data_4MNA
#
_entry.id   4MNA
#
_cell.length_a   189.542
_cell.length_b   189.542
_cell.length_c   117.751
_cell.angle_alpha   90.00
_cell.angle_beta   90.00
_cell.angle_gamma   120.00
#
_symmetry.space_group_name_H-M   'P 32 2 1'
#
loop_
_entity.id
_entity.type
_entity.pdbx_description
1 polymer 'LRR receptor-like serine/threonine-protein kinase FLS2'
2 non-polymer 2-acetamido-2-deoxy-beta-D-glucopyranose
3 non-polymer 'ZINC ION'
#
_entity_poly.entity_id   1
_entity_poly.type   'polypeptide(L)'
_entity_poly.pdbx_seq_one_letter_code
;QSFEPEIEALKSFKNGISNDPLGVLSDWTIIGSLRHCNWTGITCDSTGHVVSVSLLEKQLEGVLSPAIANLTYLQVLDLT
SNSFTGKIPAEIGKLTELQSLVLTENLLEGDIPAEIGNCSSLVQLELYDNQLTGKIPAELGNLVQLQALRIYKNKLTSSI
PSSLFRLTQLTHLGLSENHLVGPISEEIGFLESLEVLTLHSNNFTGEFPQSITNLRNLTVLTVGFNNISGELPADLGLLT
NLRNLSAHDNLLTGPIPSSISNCTGLKLLDLSHNQMTGEIPRGFGRMNLTFISIGRNHFTGEIPDDIFNCSNLETLSVAD
NNLTGTLKPLIGKLQKLRILQVSYNSLTGPIPREIGNLKDLNILYLHSNGFTGRIPREMSNLTLLQGLRMYSNDLEGPIP
EEMFDMKLLSVLDLSNNKFSGQIPALFSKLESLTYLSLQGNKFNGSIPASLKSLSLLNTFDISDNLLTGTIPGELLASLK
NMQLYLNFSNNLLTGTIPKELGKLEMVQEIDLSNNLFSGSIPRSLQACKNVFTLDFSQNNLSGHIPDEVFQGMDMIISLN
LSRNSFSGEIPQSFGNMTHLVSLDLSSNNLTGEIPESLANLSTLKHLKLASNNLKGHVPESGVFKNINASDLMGNTDLCG
SKKPLKPCTIKQKSSHHHHHHH
;
_entity_poly.pdbx_strand_id   A
#
# COMPACT_ATOMS: atom_id res chain seq x y z
N SER A 2 26.31 -22.94 44.50
CA SER A 2 26.90 -23.51 43.29
C SER A 2 26.95 -25.02 43.37
N PHE A 3 25.88 -25.64 43.84
CA PHE A 3 25.88 -27.09 44.05
C PHE A 3 24.88 -27.83 43.12
N GLU A 4 24.37 -28.95 43.62
CA GLU A 4 23.46 -29.83 42.87
C GLU A 4 22.18 -29.22 42.27
N PRO A 5 21.35 -28.53 43.08
CA PRO A 5 20.03 -28.09 42.60
C PRO A 5 20.06 -27.21 41.35
N GLU A 6 21.05 -26.32 41.24
CA GLU A 6 21.21 -25.48 40.06
C GLU A 6 21.52 -26.31 38.81
N ILE A 7 22.41 -27.29 38.96
CA ILE A 7 22.78 -28.18 37.86
C ILE A 7 21.57 -29.02 37.45
N GLU A 8 20.78 -29.43 38.43
CA GLU A 8 19.54 -30.17 38.20
C GLU A 8 18.56 -29.32 37.42
N ALA A 9 18.54 -28.02 37.74
CA ALA A 9 17.63 -27.07 37.09
C ALA A 9 17.99 -26.82 35.63
N LEU A 10 19.27 -26.52 35.36
CA LEU A 10 19.74 -26.33 33.98
C LEU A 10 19.72 -27.62 33.13
N LYS A 11 19.83 -28.77 33.80
CA LYS A 11 19.72 -30.08 33.13
C LYS A 11 18.26 -30.36 32.81
N SER A 12 17.38 -29.89 33.70
CA SER A 12 15.94 -29.95 33.53
C SER A 12 15.52 -29.02 32.38
N PHE A 13 16.29 -27.95 32.18
CA PHE A 13 16.08 -27.00 31.08
C PHE A 13 16.56 -27.56 29.75
N LYS A 14 17.68 -28.28 29.77
CA LYS A 14 18.17 -28.96 28.57
C LYS A 14 17.12 -29.94 28.07
N ASN A 15 16.39 -30.56 29.00
CA ASN A 15 15.25 -31.38 28.66
C ASN A 15 14.03 -30.49 28.40
N GLY A 16 13.12 -30.96 27.55
CA GLY A 16 12.00 -30.14 27.15
C GLY A 16 12.33 -29.43 25.86
N ILE A 17 13.56 -28.94 25.77
CA ILE A 17 14.08 -28.42 24.50
C ILE A 17 14.20 -29.59 23.53
N SER A 18 13.17 -29.76 22.72
CA SER A 18 13.03 -30.94 21.86
C SER A 18 14.14 -31.09 20.82
N ASN A 19 14.35 -30.05 20.00
CA ASN A 19 15.29 -30.13 18.90
C ASN A 19 16.38 -29.05 18.96
N ASP A 20 17.64 -29.46 18.83
CA ASP A 20 18.77 -28.53 18.88
C ASP A 20 19.75 -28.79 17.72
N PRO A 21 19.48 -28.16 16.57
CA PRO A 21 20.21 -28.41 15.31
C PRO A 21 21.64 -27.88 15.29
N LEU A 22 21.92 -26.87 16.11
CA LEU A 22 23.25 -26.26 16.12
C LEU A 22 24.18 -26.90 17.17
N GLY A 23 23.62 -27.78 18.00
CA GLY A 23 24.41 -28.51 18.98
C GLY A 23 24.99 -27.64 20.08
N VAL A 24 24.18 -26.70 20.57
CA VAL A 24 24.63 -25.79 21.61
C VAL A 24 24.66 -26.47 22.98
N LEU A 25 23.60 -27.21 23.30
CA LEU A 25 23.52 -27.91 24.58
C LEU A 25 24.43 -29.13 24.63
N SER A 26 24.91 -29.56 23.46
CA SER A 26 25.85 -30.67 23.39
C SER A 26 27.09 -30.32 24.21
N ASP A 27 27.52 -29.07 24.10
CA ASP A 27 28.68 -28.57 24.84
C ASP A 27 28.50 -28.66 26.36
N TRP A 28 27.25 -28.78 26.81
CA TRP A 28 26.97 -28.82 28.22
C TRP A 28 27.07 -30.23 28.76
N THR A 29 27.24 -31.19 27.84
CA THR A 29 27.28 -32.60 28.21
C THR A 29 28.71 -33.11 28.29
N ILE A 30 29.54 -32.70 27.34
CA ILE A 30 30.90 -33.19 27.22
C ILE A 30 31.82 -32.64 28.32
N ILE A 31 31.66 -31.36 28.64
CA ILE A 31 32.53 -30.68 29.61
C ILE A 31 32.51 -31.37 30.99
N GLY A 32 31.33 -31.43 31.61
CA GLY A 32 31.19 -32.09 32.90
C GLY A 32 30.02 -31.57 33.71
N SER A 33 29.86 -32.09 34.92
CA SER A 33 28.77 -31.67 35.82
C SER A 33 29.14 -30.45 36.66
N LEU A 34 30.28 -30.49 37.33
CA LEU A 34 30.71 -29.38 38.17
C LEU A 34 31.45 -28.29 37.39
N ARG A 35 31.37 -28.35 36.07
CA ARG A 35 31.98 -27.35 35.20
C ARG A 35 30.93 -26.62 34.41
N HIS A 36 29.74 -26.50 34.99
CA HIS A 36 28.62 -25.90 34.29
C HIS A 36 28.82 -24.40 34.03
N CYS A 37 29.75 -23.80 34.74
CA CYS A 37 29.97 -22.35 34.61
C CYS A 37 30.80 -22.03 33.38
N ASN A 38 31.28 -23.08 32.71
CA ASN A 38 32.08 -22.91 31.51
C ASN A 38 31.31 -23.37 30.28
N TRP A 39 30.05 -23.76 30.48
CA TRP A 39 29.17 -24.18 29.41
C TRP A 39 28.88 -23.05 28.43
N THR A 40 28.54 -23.39 27.19
CA THR A 40 28.16 -22.40 26.20
C THR A 40 26.95 -21.62 26.71
N GLY A 41 27.13 -20.32 26.87
CA GLY A 41 26.04 -19.45 27.27
C GLY A 41 25.91 -19.25 28.77
N ILE A 42 26.10 -20.34 29.52
CA ILE A 42 25.99 -20.24 30.97
C ILE A 42 27.20 -19.52 31.56
N THR A 43 26.94 -18.45 32.29
CA THR A 43 28.01 -17.80 33.06
C THR A 43 27.55 -17.52 34.50
N CYS A 44 28.43 -17.82 35.44
CA CYS A 44 28.12 -17.73 36.86
C CYS A 44 28.75 -16.49 37.50
N ASP A 45 28.55 -16.32 38.81
CA ASP A 45 29.13 -15.16 39.52
C ASP A 45 30.52 -15.41 40.09
N SER A 46 30.87 -14.67 41.14
CA SER A 46 32.15 -14.84 41.81
C SER A 46 32.07 -15.90 42.91
N THR A 47 30.85 -16.37 43.17
CA THR A 47 30.59 -17.41 44.16
C THR A 47 30.17 -18.74 43.53
N GLY A 48 30.07 -18.77 42.20
CA GLY A 48 29.74 -20.00 41.50
C GLY A 48 28.28 -20.18 41.11
N HIS A 49 27.40 -19.35 41.68
CA HIS A 49 25.97 -19.43 41.40
C HIS A 49 25.64 -18.95 39.98
N VAL A 50 24.68 -19.60 39.32
CA VAL A 50 24.31 -19.23 37.94
C VAL A 50 23.58 -17.89 37.88
N VAL A 51 24.16 -16.92 37.18
CA VAL A 51 23.54 -15.59 37.04
C VAL A 51 23.11 -15.27 35.61
N SER A 52 23.67 -15.94 34.62
CA SER A 52 23.26 -15.69 33.24
C SER A 52 23.15 -16.93 32.34
N VAL A 53 22.04 -16.98 31.61
CA VAL A 53 21.81 -17.98 30.58
C VAL A 53 21.59 -17.29 29.23
N SER A 54 22.63 -17.25 28.40
CA SER A 54 22.57 -16.55 27.11
C SER A 54 22.60 -17.50 25.91
N LEU A 55 21.41 -17.80 25.40
CA LEU A 55 21.25 -18.65 24.22
C LEU A 55 20.43 -17.87 23.17
N LEU A 56 21.12 -17.19 22.26
CA LEU A 56 20.46 -16.37 21.25
C LEU A 56 20.73 -16.85 19.82
N GLU A 57 19.65 -16.99 19.04
CA GLU A 57 19.73 -17.47 17.65
C GLU A 57 20.37 -18.84 17.55
N LYS A 58 20.13 -19.67 18.57
CA LYS A 58 20.67 -21.02 18.60
C LYS A 58 19.65 -22.01 18.01
N GLN A 59 18.57 -21.45 17.46
CA GLN A 59 17.50 -22.23 16.83
C GLN A 59 16.93 -23.34 17.72
N LEU A 60 16.76 -23.04 19.01
CA LEU A 60 16.21 -24.00 19.95
C LEU A 60 14.69 -24.11 19.79
N GLU A 61 14.18 -25.34 19.69
CA GLU A 61 12.74 -25.57 19.71
C GLU A 61 12.35 -26.27 21.02
N GLY A 62 11.08 -26.16 21.40
CA GLY A 62 10.61 -26.81 22.61
C GLY A 62 9.82 -25.86 23.51
N VAL A 63 9.66 -26.25 24.76
CA VAL A 63 8.87 -25.46 25.70
C VAL A 63 9.77 -24.92 26.83
N LEU A 64 9.45 -23.72 27.31
CA LEU A 64 10.19 -23.11 28.42
C LEU A 64 9.92 -23.84 29.74
N SER A 65 10.97 -24.43 30.30
CA SER A 65 10.88 -25.23 31.53
C SER A 65 10.72 -24.38 32.80
N PRO A 66 9.84 -24.81 33.73
CA PRO A 66 9.57 -24.14 35.02
C PRO A 66 10.72 -24.29 36.02
N ALA A 67 11.60 -25.23 35.75
CA ALA A 67 12.76 -25.46 36.60
C ALA A 67 13.70 -24.26 36.61
N ILE A 68 13.48 -23.32 35.69
CA ILE A 68 14.29 -22.09 35.68
C ILE A 68 13.89 -21.19 36.84
N ALA A 69 12.88 -21.64 37.59
CA ALA A 69 12.50 -21.00 38.85
C ALA A 69 13.38 -21.47 40.01
N ASN A 70 14.20 -22.48 39.75
CA ASN A 70 15.15 -22.96 40.74
C ASN A 70 16.40 -22.08 40.79
N LEU A 71 16.84 -21.56 39.64
CA LEU A 71 18.01 -20.70 39.56
C LEU A 71 17.76 -19.36 40.24
N THR A 72 17.90 -19.32 41.56
CA THR A 72 17.52 -18.15 42.33
C THR A 72 18.39 -16.93 42.01
N TYR A 73 19.67 -17.18 41.79
CA TYR A 73 20.67 -16.13 41.62
C TYR A 73 20.70 -15.60 40.18
N LEU A 74 19.76 -16.09 39.37
CA LEU A 74 19.62 -15.70 37.98
C LEU A 74 19.21 -14.25 37.82
N GLN A 75 20.01 -13.50 37.07
CA GLN A 75 19.76 -12.08 36.85
C GLN A 75 19.23 -11.80 35.44
N VAL A 76 19.88 -12.38 34.43
CA VAL A 76 19.48 -12.19 33.04
C VAL A 76 19.20 -13.51 32.29
N LEU A 77 17.98 -13.65 31.78
CA LEU A 77 17.59 -14.83 31.01
C LEU A 77 17.40 -14.47 29.54
N ASP A 78 18.40 -14.76 28.71
CA ASP A 78 18.35 -14.38 27.30
C ASP A 78 18.00 -15.55 26.36
N LEU A 79 16.91 -15.39 25.62
CA LEU A 79 16.48 -16.33 24.60
C LEU A 79 15.98 -15.57 23.36
N THR A 80 16.85 -14.68 22.84
CA THR A 80 16.51 -13.85 21.68
C THR A 80 16.55 -14.64 20.38
N SER A 81 15.44 -14.60 19.63
CA SER A 81 15.39 -15.20 18.30
C SER A 81 15.58 -16.72 18.35
N ASN A 82 14.60 -17.42 18.90
CA ASN A 82 14.61 -18.86 18.93
C ASN A 82 13.25 -19.40 18.52
N SER A 83 12.89 -20.59 19.01
CA SER A 83 11.63 -21.23 18.64
C SER A 83 10.90 -21.75 19.85
N PHE A 84 11.09 -21.10 20.98
CA PHE A 84 10.51 -21.56 22.23
C PHE A 84 8.99 -21.45 22.21
N THR A 85 8.32 -22.59 22.07
CA THR A 85 6.86 -22.62 22.05
C THR A 85 6.31 -22.74 23.48
N GLY A 86 5.04 -23.08 23.58
CA GLY A 86 4.40 -23.19 24.87
C GLY A 86 4.08 -21.82 25.44
N LYS A 87 4.20 -21.69 26.75
CA LYS A 87 3.87 -20.43 27.39
C LYS A 87 4.90 -20.02 28.43
N ILE A 88 4.58 -18.95 29.16
CA ILE A 88 5.42 -18.44 30.22
C ILE A 88 4.97 -19.03 31.54
N PRO A 89 5.91 -19.64 32.30
CA PRO A 89 5.66 -20.25 33.60
C PRO A 89 5.41 -19.20 34.69
N ALA A 90 4.38 -19.42 35.49
CA ALA A 90 4.02 -18.48 36.55
C ALA A 90 5.03 -18.50 37.70
N GLU A 91 5.81 -19.57 37.80
CA GLU A 91 6.83 -19.65 38.85
C GLU A 91 8.00 -18.71 38.58
N ILE A 92 8.09 -18.20 37.35
CA ILE A 92 9.21 -17.34 36.96
C ILE A 92 9.19 -15.99 37.69
N GLY A 93 8.16 -15.78 38.50
CA GLY A 93 8.08 -14.57 39.31
C GLY A 93 8.81 -14.72 40.64
N LYS A 94 9.13 -15.97 40.96
CA LYS A 94 9.88 -16.27 42.14
C LYS A 94 11.28 -15.75 41.96
N LEU A 95 11.82 -15.87 40.75
CA LEU A 95 13.19 -15.46 40.59
C LEU A 95 13.08 -14.09 41.16
N THR A 96 13.99 -13.70 42.03
CA THR A 96 13.90 -12.37 42.55
C THR A 96 15.13 -11.63 42.15
N GLU A 97 16.03 -12.32 41.48
CA GLU A 97 17.25 -11.67 41.08
C GLU A 97 17.21 -11.34 39.61
N LEU A 98 16.05 -11.50 39.00
CA LEU A 98 15.99 -11.18 37.61
C LEU A 98 16.25 -9.69 37.50
N GLN A 99 17.08 -9.28 36.56
CA GLN A 99 17.29 -7.88 36.34
C GLN A 99 16.63 -7.61 35.03
N SER A 100 17.09 -8.32 34.01
CA SER A 100 16.55 -8.21 32.67
C SER A 100 16.10 -9.57 32.26
N LEU A 101 14.89 -9.71 31.76
CA LEU A 101 14.40 -11.00 31.37
C LEU A 101 14.04 -10.91 29.94
N VAL A 102 14.39 -11.90 29.14
CA VAL A 102 14.08 -11.81 27.73
C VAL A 102 13.38 -13.04 27.16
N LEU A 103 12.67 -12.84 26.07
CA LEU A 103 12.07 -13.94 25.35
C LEU A 103 11.56 -13.48 23.99
N THR A 104 12.36 -12.66 23.32
CA THR A 104 11.90 -12.03 22.07
C THR A 104 11.97 -12.98 20.88
N GLU A 105 11.07 -12.75 19.92
CA GLU A 105 11.06 -13.47 18.65
C GLU A 105 10.91 -14.99 18.81
N ASN A 106 9.81 -15.42 19.44
CA ASN A 106 9.56 -16.85 19.65
C ASN A 106 8.14 -17.28 19.26
N LEU A 107 7.66 -18.34 19.89
CA LEU A 107 6.33 -18.88 19.63
C LEU A 107 5.59 -19.07 20.94
N LEU A 108 5.75 -18.10 21.83
CA LEU A 108 5.17 -18.20 23.16
C LEU A 108 3.71 -17.75 23.13
N GLU A 109 2.81 -18.69 23.38
CA GLU A 109 1.38 -18.39 23.37
C GLU A 109 0.90 -18.10 24.77
N GLY A 110 -0.40 -18.23 25.00
CA GLY A 110 -0.97 -17.95 26.29
C GLY A 110 -0.94 -16.48 26.60
N ASP A 111 -1.35 -16.12 27.80
CA ASP A 111 -1.34 -14.73 28.21
C ASP A 111 -0.16 -14.48 29.15
N ILE A 112 0.20 -13.21 29.30
CA ILE A 112 1.29 -12.86 30.20
C ILE A 112 0.85 -12.98 31.65
N PRO A 113 1.54 -13.86 32.41
CA PRO A 113 1.21 -14.16 33.81
C PRO A 113 1.32 -12.93 34.69
N ALA A 114 0.44 -12.83 35.68
CA ALA A 114 0.46 -11.70 36.59
C ALA A 114 1.65 -11.80 37.57
N GLU A 115 2.19 -13.01 37.68
CA GLU A 115 3.24 -13.28 38.65
C GLU A 115 4.55 -12.55 38.33
N ILE A 116 4.67 -12.08 37.08
CA ILE A 116 5.80 -11.25 36.66
C ILE A 116 5.89 -9.98 37.52
N GLY A 117 4.79 -9.64 38.19
CA GLY A 117 4.77 -8.50 39.10
C GLY A 117 5.57 -8.70 40.38
N ASN A 118 5.99 -9.94 40.64
CA ASN A 118 6.78 -10.25 41.83
C ASN A 118 8.30 -10.07 41.63
N CYS A 119 8.74 -9.91 40.38
CA CYS A 119 10.15 -9.70 40.06
C CYS A 119 10.62 -8.31 40.45
N SER A 120 10.86 -8.12 41.74
CA SER A 120 11.14 -6.79 42.28
C SER A 120 12.37 -6.10 41.67
N SER A 121 13.19 -6.86 40.96
CA SER A 121 14.43 -6.30 40.44
C SER A 121 14.42 -6.20 38.93
N LEU A 122 13.27 -6.52 38.34
CA LEU A 122 13.12 -6.52 36.88
C LEU A 122 13.22 -5.11 36.32
N VAL A 123 14.23 -4.91 35.48
CA VAL A 123 14.50 -3.60 34.89
C VAL A 123 14.20 -3.61 33.40
N GLN A 124 14.22 -4.81 32.81
CA GLN A 124 13.97 -4.92 31.39
C GLN A 124 13.13 -6.13 31.03
N LEU A 125 11.93 -5.86 30.54
CA LEU A 125 11.00 -6.93 30.18
C LEU A 125 10.78 -7.00 28.68
N GLU A 126 11.29 -8.06 28.06
CA GLU A 126 11.29 -8.21 26.61
C GLU A 126 10.46 -9.43 26.18
N LEU A 127 9.30 -9.16 25.58
CA LEU A 127 8.37 -10.23 25.21
C LEU A 127 7.77 -10.05 23.81
N TYR A 128 8.38 -9.20 23.00
CA TYR A 128 7.78 -8.88 21.71
C TYR A 128 8.00 -9.95 20.63
N ASP A 129 7.16 -9.90 19.60
CA ASP A 129 7.24 -10.82 18.46
C ASP A 129 6.83 -12.26 18.83
N ASN A 130 5.80 -12.38 19.67
CA ASN A 130 5.31 -13.69 20.11
C ASN A 130 3.84 -13.90 19.75
N GLN A 131 3.21 -14.87 20.40
CA GLN A 131 1.78 -15.14 20.23
C GLN A 131 1.00 -14.75 21.47
N LEU A 132 1.59 -13.87 22.27
CA LEU A 132 1.06 -13.59 23.60
C LEU A 132 -0.32 -12.94 23.58
N THR A 133 -1.30 -13.62 24.16
CA THR A 133 -2.67 -13.13 24.16
C THR A 133 -3.07 -12.56 25.51
N GLY A 134 -4.38 -12.41 25.72
CA GLY A 134 -4.91 -11.93 26.99
C GLY A 134 -4.60 -10.47 27.27
N LYS A 135 -5.17 -9.95 28.35
CA LYS A 135 -4.95 -8.55 28.70
C LYS A 135 -3.59 -8.31 29.34
N ILE A 136 -3.15 -7.05 29.34
CA ILE A 136 -1.92 -6.66 30.04
C ILE A 136 -2.18 -6.67 31.54
N PRO A 137 -1.37 -7.43 32.29
CA PRO A 137 -1.54 -7.63 33.73
C PRO A 137 -1.21 -6.37 34.47
N ALA A 138 -2.08 -5.93 35.39
CA ALA A 138 -1.84 -4.71 36.13
C ALA A 138 -0.68 -4.87 37.10
N GLU A 139 -0.35 -6.11 37.43
CA GLU A 139 0.76 -6.41 38.34
C GLU A 139 2.08 -5.88 37.80
N LEU A 140 2.14 -5.67 36.49
CA LEU A 140 3.33 -5.10 35.85
C LEU A 140 3.64 -3.71 36.39
N GLY A 141 2.67 -3.09 37.05
CA GLY A 141 2.85 -1.79 37.67
C GLY A 141 3.57 -1.81 39.01
N ASN A 142 3.96 -3.01 39.44
CA ASN A 142 4.75 -3.15 40.67
C ASN A 142 6.24 -3.18 40.39
N LEU A 143 6.60 -3.43 39.13
CA LEU A 143 8.01 -3.52 38.73
C LEU A 143 8.64 -2.15 38.70
N VAL A 144 8.72 -1.49 39.86
CA VAL A 144 9.12 -0.09 39.88
C VAL A 144 10.57 0.18 39.48
N GLN A 145 11.23 -0.78 38.85
CA GLN A 145 12.60 -0.51 38.41
C GLN A 145 12.67 -0.57 36.90
N LEU A 146 11.51 -0.86 36.31
CA LEU A 146 11.35 -1.07 34.88
C LEU A 146 11.73 0.15 34.06
N GLN A 147 12.47 -0.07 32.98
CA GLN A 147 12.93 1.00 32.12
C GLN A 147 12.40 0.73 30.74
N ALA A 148 12.65 -0.50 30.30
CA ALA A 148 12.20 -0.94 29.00
C ALA A 148 11.08 -1.95 29.17
N LEU A 149 9.93 -1.60 28.62
CA LEU A 149 8.82 -2.52 28.58
C LEU A 149 8.47 -2.73 27.13
N ARG A 150 8.89 -3.88 26.60
CA ARG A 150 8.68 -4.12 25.19
C ARG A 150 7.89 -5.38 24.95
N ILE A 151 6.57 -5.24 24.95
CA ILE A 151 5.70 -6.37 24.68
C ILE A 151 4.87 -6.20 23.42
N TYR A 152 5.39 -5.48 22.43
CA TYR A 152 4.63 -5.26 21.20
C TYR A 152 4.63 -6.48 20.26
N LYS A 153 3.99 -6.37 19.12
CA LYS A 153 3.93 -7.46 18.13
C LYS A 153 3.32 -8.75 18.67
N ASN A 154 2.20 -8.61 19.36
CA ASN A 154 1.53 -9.77 19.95
C ASN A 154 0.03 -9.80 19.65
N LYS A 155 -0.74 -10.51 20.46
CA LYS A 155 -2.19 -10.54 20.30
C LYS A 155 -2.85 -10.10 21.60
N LEU A 156 -2.23 -9.12 22.26
CA LEU A 156 -2.69 -8.65 23.56
C LEU A 156 -3.94 -7.80 23.42
N THR A 157 -4.85 -7.89 24.38
CA THR A 157 -6.15 -7.23 24.23
C THR A 157 -6.51 -6.25 25.35
N SER A 158 -7.81 -6.00 25.47
CA SER A 158 -8.37 -5.04 26.41
C SER A 158 -7.57 -3.74 26.46
N SER A 159 -7.76 -3.00 27.55
CA SER A 159 -7.23 -1.66 27.62
C SER A 159 -5.94 -1.63 28.41
N ILE A 160 -5.25 -0.50 28.32
CA ILE A 160 -4.01 -0.32 29.05
C ILE A 160 -4.32 -0.07 30.52
N PRO A 161 -3.77 -0.92 31.40
CA PRO A 161 -3.97 -0.78 32.84
C PRO A 161 -3.37 0.56 33.27
N SER A 162 -3.94 1.20 34.29
CA SER A 162 -3.45 2.50 34.71
C SER A 162 -2.10 2.36 35.39
N SER A 163 -1.91 1.22 36.04
CA SER A 163 -0.70 0.92 36.78
C SER A 163 0.60 1.22 36.01
N LEU A 164 0.58 1.02 34.71
CA LEU A 164 1.78 1.21 33.89
C LEU A 164 2.32 2.64 33.96
N PHE A 165 1.46 3.58 34.33
CA PHE A 165 1.88 4.98 34.38
C PHE A 165 2.50 5.35 35.72
N ARG A 166 2.68 4.34 36.57
CA ARG A 166 3.33 4.55 37.84
C ARG A 166 4.82 4.27 37.72
N LEU A 167 5.18 3.37 36.81
CA LEU A 167 6.58 2.99 36.57
C LEU A 167 7.42 4.15 36.10
N THR A 168 7.82 5.02 37.03
CA THR A 168 8.43 6.29 36.65
C THR A 168 9.82 6.21 35.97
N GLN A 169 10.44 5.03 35.96
CA GLN A 169 11.76 4.87 35.36
C GLN A 169 11.77 4.46 33.88
N LEU A 170 10.58 4.39 33.27
CA LEU A 170 10.41 3.94 31.86
C LEU A 170 11.00 4.91 30.86
N THR A 171 11.78 4.37 29.92
CA THR A 171 12.48 5.16 28.92
C THR A 171 12.10 4.65 27.54
N HIS A 172 12.01 3.32 27.43
CA HIS A 172 11.45 2.68 26.25
C HIS A 172 10.12 1.96 26.59
N LEU A 173 9.10 2.23 25.77
CA LEU A 173 7.77 1.65 25.91
C LEU A 173 7.16 1.27 24.54
N GLY A 174 6.91 -0.02 24.33
CA GLY A 174 6.37 -0.44 23.05
C GLY A 174 5.17 -1.38 23.11
N LEU A 175 3.98 -0.84 22.85
CA LEU A 175 2.77 -1.67 22.84
C LEU A 175 2.15 -1.75 21.44
N SER A 176 2.94 -1.47 20.43
CA SER A 176 2.46 -1.45 19.05
C SER A 176 2.08 -2.84 18.53
N GLU A 177 1.45 -2.89 17.35
CA GLU A 177 1.17 -4.16 16.67
C GLU A 177 0.31 -5.15 17.46
N ASN A 178 -0.54 -4.66 18.37
CA ASN A 178 -1.42 -5.56 19.14
C ASN A 178 -2.92 -5.40 18.82
N HIS A 179 -3.77 -5.95 19.71
CA HIS A 179 -5.21 -5.77 19.61
C HIS A 179 -5.72 -5.01 20.82
N LEU A 180 -4.90 -4.08 21.31
CA LEU A 180 -5.23 -3.27 22.48
C LEU A 180 -6.31 -2.26 22.15
N VAL A 181 -7.21 -2.04 23.10
CA VAL A 181 -8.26 -1.04 22.91
C VAL A 181 -8.23 -0.03 24.02
N GLY A 182 -9.29 0.75 24.13
CA GLY A 182 -9.39 1.74 25.16
C GLY A 182 -8.59 2.97 24.82
N PRO A 183 -8.89 4.09 25.48
CA PRO A 183 -8.24 5.36 25.18
C PRO A 183 -6.79 5.35 25.60
N ILE A 184 -6.08 6.41 25.25
CA ILE A 184 -4.73 6.63 25.75
C ILE A 184 -4.79 7.69 26.85
N SER A 185 -4.70 7.24 28.10
CA SER A 185 -4.95 8.09 29.25
C SER A 185 -3.97 9.28 29.30
N GLU A 186 -4.37 10.38 29.92
CA GLU A 186 -3.47 11.52 30.07
C GLU A 186 -2.32 11.19 31.02
N GLU A 187 -2.44 10.04 31.67
CA GLU A 187 -1.48 9.66 32.67
C GLU A 187 -0.11 9.33 32.10
N ILE A 188 0.02 9.27 30.77
CA ILE A 188 1.37 9.19 30.17
C ILE A 188 2.22 10.41 30.59
N GLY A 189 1.57 11.49 31.03
CA GLY A 189 2.30 12.65 31.51
C GLY A 189 3.15 12.34 32.72
N PHE A 190 2.89 11.18 33.32
CA PHE A 190 3.53 10.78 34.56
C PHE A 190 4.85 10.04 34.38
N LEU A 191 5.03 9.43 33.21
CA LEU A 191 6.31 8.81 32.88
C LEU A 191 7.26 9.87 32.32
N GLU A 192 7.66 10.81 33.17
CA GLU A 192 8.45 11.96 32.74
C GLU A 192 9.78 11.55 32.12
N SER A 193 10.18 10.31 32.34
CA SER A 193 11.49 9.86 31.87
C SER A 193 11.43 9.00 30.61
N LEU A 194 10.26 8.98 30.00
CA LEU A 194 10.01 8.27 28.75
C LEU A 194 10.78 8.87 27.60
N GLU A 195 11.26 8.00 26.71
CA GLU A 195 12.09 8.40 25.59
C GLU A 195 11.55 7.82 24.28
N VAL A 196 11.00 6.61 24.35
CA VAL A 196 10.38 6.01 23.18
C VAL A 196 8.95 5.50 23.46
N LEU A 197 8.00 5.95 22.64
CA LEU A 197 6.61 5.55 22.75
C LEU A 197 6.09 4.99 21.42
N THR A 198 6.05 3.67 21.27
CA THR A 198 5.40 3.11 20.07
C THR A 198 4.05 2.45 20.35
N LEU A 199 2.98 3.12 19.94
CA LEU A 199 1.63 2.57 20.13
C LEU A 199 0.92 2.25 18.82
N HIS A 200 1.66 2.27 17.72
CA HIS A 200 1.04 2.21 16.40
C HIS A 200 0.50 0.82 16.09
N SER A 201 -0.53 0.78 15.26
CA SER A 201 -1.17 -0.47 14.82
C SER A 201 -1.94 -1.21 15.93
N ASN A 202 -3.02 -0.57 16.41
CA ASN A 202 -3.90 -1.10 17.45
C ASN A 202 -5.38 -0.80 17.17
N ASN A 203 -6.14 -0.56 18.25
CA ASN A 203 -7.53 -0.14 18.15
C ASN A 203 -7.85 0.93 19.20
N PHE A 204 -6.90 1.83 19.43
CA PHE A 204 -7.04 2.88 20.44
C PHE A 204 -8.02 3.94 19.96
N THR A 205 -8.81 4.46 20.89
CA THR A 205 -9.82 5.47 20.57
C THR A 205 -9.66 6.72 21.45
N GLY A 206 -10.75 7.41 21.73
CA GLY A 206 -10.73 8.55 22.62
C GLY A 206 -9.94 9.70 22.05
N GLU A 207 -9.94 10.82 22.78
CA GLU A 207 -9.16 11.98 22.39
C GLU A 207 -7.69 11.61 22.51
N PHE A 208 -6.87 12.41 21.86
CA PHE A 208 -5.43 12.32 21.90
C PHE A 208 -4.93 12.78 23.26
N PRO A 209 -3.90 12.10 23.82
CA PRO A 209 -3.30 12.42 25.13
C PRO A 209 -2.55 13.76 25.18
N GLN A 210 -3.24 14.83 25.57
CA GLN A 210 -2.74 16.20 25.49
C GLN A 210 -1.54 16.50 26.38
N SER A 211 -1.30 15.66 27.39
CA SER A 211 -0.20 15.89 28.33
C SER A 211 1.10 15.20 27.88
N ILE A 212 1.13 14.79 26.63
CA ILE A 212 2.34 14.25 26.04
C ILE A 212 3.41 15.33 26.02
N THR A 213 3.01 16.58 26.26
CA THR A 213 3.95 17.69 26.27
C THR A 213 4.72 17.74 27.57
N ASN A 214 4.49 16.78 28.45
CA ASN A 214 5.19 16.72 29.72
C ASN A 214 6.55 16.05 29.59
N LEU A 215 6.55 14.83 29.05
CA LEU A 215 7.76 14.04 28.90
C LEU A 215 8.71 14.68 27.90
N ARG A 216 9.65 15.48 28.39
CA ARG A 216 10.51 16.18 27.47
C ARG A 216 11.77 15.40 27.11
N ASN A 217 11.76 14.12 27.39
CA ASN A 217 12.88 13.30 26.92
C ASN A 217 12.43 12.43 25.74
N LEU A 218 11.18 12.57 25.34
CA LEU A 218 10.59 11.83 24.22
C LEU A 218 11.22 12.19 22.87
N THR A 219 11.64 11.16 22.14
CA THR A 219 12.33 11.30 20.85
C THR A 219 11.63 10.50 19.76
N VAL A 220 10.90 9.46 20.16
CA VAL A 220 10.10 8.66 19.25
C VAL A 220 8.66 8.57 19.73
N LEU A 221 7.73 8.91 18.83
CA LEU A 221 6.31 8.87 19.15
C LEU A 221 5.52 8.34 17.95
N THR A 222 5.16 7.06 17.98
CA THR A 222 4.36 6.50 16.89
C THR A 222 3.01 5.93 17.38
N VAL A 223 1.94 6.39 16.72
CA VAL A 223 0.56 6.00 17.04
C VAL A 223 -0.25 5.83 15.76
N GLY A 224 0.45 5.48 14.68
CA GLY A 224 -0.19 5.27 13.40
C GLY A 224 -1.26 4.18 13.48
N PHE A 225 -2.25 4.24 12.59
CA PHE A 225 -3.30 3.21 12.43
C PHE A 225 -4.15 2.96 13.67
N ASN A 226 -4.75 4.01 14.19
CA ASN A 226 -5.63 3.92 15.34
C ASN A 226 -6.84 4.80 15.11
N ASN A 227 -7.89 4.58 15.89
CA ASN A 227 -9.07 5.41 15.76
C ASN A 227 -9.02 6.57 16.77
N ILE A 228 -7.79 7.01 17.06
CA ILE A 228 -7.55 8.15 17.95
C ILE A 228 -7.96 9.47 17.33
N SER A 229 -8.92 10.13 17.98
CA SER A 229 -9.46 11.38 17.47
C SER A 229 -8.98 12.55 18.31
N GLY A 230 -9.28 13.76 17.88
CA GLY A 230 -8.94 14.93 18.65
C GLY A 230 -7.80 15.76 18.06
N GLU A 231 -7.48 16.89 18.72
CA GLU A 231 -6.51 17.83 18.18
C GLU A 231 -5.12 17.61 18.75
N LEU A 232 -4.11 17.86 17.93
CA LEU A 232 -2.72 17.77 18.35
C LEU A 232 -2.40 18.99 19.21
N PRO A 233 -1.73 18.79 20.37
CA PRO A 233 -1.61 19.83 21.41
C PRO A 233 -0.77 21.04 20.98
N ALA A 234 -1.09 22.25 21.47
CA ALA A 234 -0.19 23.37 21.24
C ALA A 234 1.03 23.25 22.18
N ASP A 235 1.89 24.26 22.18
CA ASP A 235 3.14 24.17 22.96
C ASP A 235 3.84 22.83 22.75
N LEU A 236 3.68 22.28 21.55
CA LEU A 236 4.35 21.06 21.12
C LEU A 236 5.84 21.32 21.10
N GLY A 237 6.19 22.60 20.93
CA GLY A 237 7.57 23.03 20.86
C GLY A 237 8.32 23.01 22.18
N LEU A 238 7.66 22.51 23.22
CA LEU A 238 8.33 22.10 24.45
C LEU A 238 9.31 20.97 24.15
N LEU A 239 8.80 19.84 23.67
CA LEU A 239 9.70 18.70 23.44
C LEU A 239 10.66 18.90 22.27
N THR A 240 11.80 19.51 22.58
CA THR A 240 12.82 19.76 21.59
C THR A 240 13.74 18.54 21.41
N ASN A 241 13.19 17.35 21.54
CA ASN A 241 13.99 16.15 21.31
C ASN A 241 13.31 15.11 20.45
N LEU A 242 12.07 15.38 20.09
CA LEU A 242 11.35 14.57 19.12
C LEU A 242 12.08 14.45 17.79
N ARG A 243 12.31 13.21 17.36
CA ARG A 243 12.89 12.94 16.04
C ARG A 243 11.91 12.24 15.08
N ASN A 244 11.13 11.28 15.59
CA ASN A 244 10.04 10.63 14.84
C ASN A 244 8.66 10.94 15.45
N LEU A 245 7.75 11.46 14.63
CA LEU A 245 6.39 11.75 15.07
C LEU A 245 5.35 11.21 14.08
N SER A 246 4.74 10.08 14.41
CA SER A 246 3.92 9.34 13.46
C SER A 246 2.49 9.10 13.92
N ALA A 247 1.60 9.96 13.47
CA ALA A 247 0.17 9.80 13.77
C ALA A 247 -0.67 9.84 12.49
N HIS A 248 -0.48 8.83 11.63
CA HIS A 248 -1.25 8.73 10.40
C HIS A 248 -2.39 7.72 10.52
N ASP A 249 -3.34 7.82 9.61
CA ASP A 249 -4.49 6.93 9.62
C ASP A 249 -5.25 7.02 10.95
N ASN A 250 -5.39 8.24 11.47
CA ASN A 250 -6.17 8.51 12.69
C ASN A 250 -7.34 9.49 12.45
N LEU A 251 -8.09 9.82 13.50
CA LEU A 251 -9.18 10.77 13.35
C LEU A 251 -8.79 12.14 13.89
N LEU A 252 -7.51 12.48 13.72
CA LEU A 252 -6.99 13.77 14.20
C LEU A 252 -7.61 14.95 13.49
N THR A 253 -8.00 15.93 14.28
CA THR A 253 -8.62 17.13 13.74
C THR A 253 -7.74 18.32 14.07
N GLY A 254 -8.21 19.53 13.78
CA GLY A 254 -7.47 20.72 14.12
C GLY A 254 -6.08 20.87 13.49
N PRO A 255 -5.55 22.10 13.50
CA PRO A 255 -4.37 22.39 12.68
C PRO A 255 -3.09 21.85 13.26
N ILE A 256 -2.06 21.85 12.40
CA ILE A 256 -0.73 21.51 12.84
C ILE A 256 -0.23 22.66 13.69
N PRO A 257 0.08 22.38 14.98
CA PRO A 257 0.42 23.43 15.93
C PRO A 257 1.61 24.26 15.45
N SER A 258 1.55 25.57 15.68
CA SER A 258 2.58 26.48 15.22
C SER A 258 3.83 26.30 16.08
N SER A 259 3.62 25.98 17.34
CA SER A 259 4.73 25.73 18.25
C SER A 259 5.65 24.58 17.79
N ILE A 260 5.20 23.80 16.81
CA ILE A 260 6.06 22.77 16.24
C ILE A 260 7.28 23.38 15.58
N SER A 261 7.31 24.70 15.52
CA SER A 261 8.45 25.43 15.01
C SER A 261 9.68 25.28 15.92
N ASN A 262 9.46 25.03 17.22
CA ASN A 262 10.58 24.86 18.16
C ASN A 262 11.32 23.51 18.04
N CYS A 263 10.57 22.44 17.76
CA CYS A 263 11.12 21.07 17.66
C CYS A 263 12.20 20.97 16.60
N THR A 264 13.43 21.25 16.98
CA THR A 264 14.51 21.38 16.04
C THR A 264 15.13 20.03 15.69
N GLY A 265 14.75 19.00 16.43
CA GLY A 265 15.31 17.68 16.21
C GLY A 265 14.43 16.73 15.42
N LEU A 266 13.32 17.26 14.93
CA LEU A 266 12.36 16.46 14.16
C LEU A 266 12.93 16.14 12.79
N LYS A 267 12.94 14.85 12.45
CA LYS A 267 13.37 14.44 11.12
C LYS A 267 12.21 13.77 10.38
N LEU A 268 11.33 13.12 11.12
CA LEU A 268 10.21 12.39 10.51
C LEU A 268 8.83 12.86 11.02
N LEU A 269 8.01 13.40 10.12
CA LEU A 269 6.68 13.84 10.50
C LEU A 269 5.60 13.19 9.62
N ASP A 270 4.90 12.19 10.15
CA ASP A 270 3.82 11.58 9.38
C ASP A 270 2.44 11.86 9.94
N LEU A 271 1.82 12.94 9.46
CA LEU A 271 0.48 13.30 9.92
C LEU A 271 -0.60 13.02 8.85
N SER A 272 -0.42 11.98 8.04
CA SER A 272 -1.31 11.75 6.89
C SER A 272 -2.55 10.90 7.17
N HIS A 273 -3.51 10.93 6.25
CA HIS A 273 -4.80 10.23 6.40
C HIS A 273 -5.59 10.69 7.64
N ASN A 274 -5.63 12.00 7.87
CA ASN A 274 -6.36 12.55 9.00
C ASN A 274 -7.33 13.64 8.57
N GLN A 275 -8.01 14.26 9.53
CA GLN A 275 -8.94 15.35 9.22
C GLN A 275 -8.35 16.69 9.62
N MET A 276 -7.04 16.79 9.59
CA MET A 276 -6.37 17.98 10.08
C MET A 276 -6.64 19.16 9.18
N THR A 277 -6.68 20.34 9.77
CA THR A 277 -7.18 21.54 9.09
C THR A 277 -6.12 22.64 9.15
N GLY A 278 -6.51 23.87 8.87
CA GLY A 278 -5.61 25.00 9.04
C GLY A 278 -4.48 25.11 8.03
N GLU A 279 -3.84 26.28 7.94
CA GLU A 279 -2.74 26.42 7.01
C GLU A 279 -1.51 25.71 7.54
N ILE A 280 -0.52 25.50 6.68
CA ILE A 280 0.71 24.83 7.10
C ILE A 280 1.71 25.83 7.67
N PRO A 281 2.24 25.55 8.88
CA PRO A 281 3.04 26.54 9.61
C PRO A 281 4.41 26.79 9.00
N ARG A 282 5.18 27.69 9.61
CA ARG A 282 6.57 27.85 9.24
C ARG A 282 7.42 27.07 10.21
N GLY A 283 8.74 27.20 10.03
CA GLY A 283 9.67 26.64 10.98
C GLY A 283 10.29 25.35 10.47
N PHE A 284 9.65 24.78 9.46
CA PHE A 284 10.14 23.55 8.87
C PHE A 284 11.52 23.73 8.19
N GLY A 285 11.93 24.98 8.00
CA GLY A 285 13.21 25.24 7.36
C GLY A 285 14.35 25.14 8.35
N ARG A 286 13.98 25.08 9.62
CA ARG A 286 15.00 24.94 10.60
C ARG A 286 15.13 23.53 11.13
N MET A 287 14.36 22.60 10.60
CA MET A 287 14.38 21.27 11.18
C MET A 287 15.24 20.15 10.63
N ASN A 288 15.88 20.30 9.48
CA ASN A 288 16.68 19.19 9.01
C ASN A 288 15.90 17.89 8.92
N LEU A 289 14.69 17.88 8.37
CA LEU A 289 13.93 16.62 8.30
C LEU A 289 14.23 15.74 7.10
N THR A 290 13.44 14.69 6.93
CA THR A 290 13.68 13.70 5.88
C THR A 290 12.39 13.20 5.22
N PHE A 291 11.35 12.90 6.01
CA PHE A 291 10.07 12.47 5.47
C PHE A 291 8.96 13.34 6.03
N ILE A 292 8.38 14.21 5.20
CA ILE A 292 7.18 14.98 5.59
C ILE A 292 5.93 14.51 4.85
N SER A 293 5.05 13.85 5.59
CA SER A 293 3.87 13.23 5.01
C SER A 293 2.61 13.77 5.64
N ILE A 294 2.06 14.83 5.08
CA ILE A 294 0.86 15.42 5.66
C ILE A 294 -0.30 15.37 4.68
N GLY A 295 -0.29 14.32 3.84
CA GLY A 295 -1.30 14.12 2.81
C GLY A 295 -2.65 13.68 3.34
N ARG A 296 -3.64 13.62 2.46
CA ARG A 296 -4.96 13.05 2.78
C ARG A 296 -5.69 13.84 3.86
N ASN A 297 -5.26 15.07 4.07
CA ASN A 297 -5.86 15.95 5.08
C ASN A 297 -6.70 17.09 4.49
N HIS A 298 -7.15 18.00 5.33
CA HIS A 298 -7.94 19.15 4.89
C HIS A 298 -7.14 20.46 5.00
N PHE A 299 -5.86 20.41 4.62
CA PHE A 299 -4.95 21.56 4.74
C PHE A 299 -5.18 22.61 3.68
N THR A 300 -5.22 23.86 4.09
CA THR A 300 -5.51 24.98 3.20
C THR A 300 -4.27 25.88 3.10
N GLY A 301 -4.31 26.95 2.31
CA GLY A 301 -3.17 27.86 2.23
C GLY A 301 -2.00 27.41 1.34
N GLU A 302 -1.08 28.32 1.04
CA GLU A 302 0.07 28.02 0.15
C GLU A 302 1.01 27.01 0.79
N ILE A 303 1.98 26.53 0.01
CA ILE A 303 3.05 25.69 0.53
C ILE A 303 4.15 26.64 0.97
N PRO A 304 4.51 26.59 2.26
CA PRO A 304 5.40 27.56 2.94
C PRO A 304 6.83 27.56 2.37
N ASP A 305 7.39 28.73 2.10
CA ASP A 305 8.69 28.79 1.43
C ASP A 305 9.82 28.18 2.26
N ASP A 306 9.78 28.44 3.56
CA ASP A 306 10.82 27.98 4.46
C ASP A 306 10.99 26.47 4.35
N ILE A 307 9.92 25.77 3.97
CA ILE A 307 9.99 24.31 3.82
C ILE A 307 11.06 23.91 2.79
N PHE A 308 11.53 24.87 1.99
CA PHE A 308 12.52 24.59 0.97
C PHE A 308 13.96 24.79 1.46
N ASN A 309 14.14 25.09 2.75
CA ASN A 309 15.49 25.27 3.29
C ASN A 309 16.14 24.00 3.82
N CYS A 310 15.34 22.98 4.12
CA CYS A 310 15.91 21.75 4.70
C CYS A 310 16.43 20.78 3.67
N SER A 311 17.64 21.07 3.21
CA SER A 311 18.23 20.37 2.06
C SER A 311 18.52 18.90 2.26
N ASN A 312 17.94 18.27 3.29
CA ASN A 312 18.12 16.83 3.47
C ASN A 312 16.79 16.09 3.44
N LEU A 313 15.78 16.81 2.96
CA LEU A 313 14.43 16.30 2.81
C LEU A 313 14.37 15.33 1.62
N GLU A 314 13.92 14.11 1.87
CA GLU A 314 13.93 13.08 0.82
C GLU A 314 12.56 12.71 0.33
N THR A 315 11.55 12.95 1.15
CA THR A 315 10.18 12.58 0.85
C THR A 315 9.21 13.73 1.19
N LEU A 316 8.54 14.24 0.18
CA LEU A 316 7.59 15.32 0.39
C LEU A 316 6.21 14.90 -0.10
N SER A 317 5.25 14.81 0.82
CA SER A 317 3.93 14.30 0.48
C SER A 317 2.79 15.15 1.01
N VAL A 318 2.28 16.05 0.16
CA VAL A 318 1.21 16.96 0.59
C VAL A 318 -0.11 16.77 -0.16
N ALA A 319 -0.26 15.63 -0.84
CA ALA A 319 -1.38 15.40 -1.76
C ALA A 319 -2.74 15.10 -1.09
N ASP A 320 -3.80 15.21 -1.89
CA ASP A 320 -5.19 15.07 -1.43
C ASP A 320 -5.54 16.14 -0.39
N ASN A 321 -5.12 17.36 -0.65
CA ASN A 321 -5.40 18.48 0.23
C ASN A 321 -6.18 19.61 -0.47
N ASN A 322 -6.40 20.72 0.21
CA ASN A 322 -6.99 21.90 -0.41
C ASN A 322 -5.91 22.98 -0.46
N LEU A 323 -4.76 22.61 -1.01
CA LEU A 323 -3.61 23.51 -1.06
C LEU A 323 -3.60 24.33 -2.34
N THR A 324 -3.58 25.64 -2.18
CA THR A 324 -3.54 26.57 -3.29
C THR A 324 -2.10 27.02 -3.51
N GLY A 325 -1.92 28.06 -4.33
CA GLY A 325 -0.60 28.60 -4.59
C GLY A 325 0.16 27.92 -5.71
N THR A 326 1.39 28.38 -5.93
CA THR A 326 2.21 27.85 -7.00
C THR A 326 3.35 27.03 -6.45
N LEU A 327 3.80 26.04 -7.21
CA LEU A 327 4.98 25.30 -6.79
C LEU A 327 6.20 26.16 -7.16
N LYS A 328 6.59 27.07 -6.27
CA LYS A 328 7.67 28.05 -6.52
C LYS A 328 8.98 27.38 -6.97
N PRO A 329 9.88 28.13 -7.60
CA PRO A 329 11.14 27.56 -8.07
C PRO A 329 12.10 27.16 -6.94
N LEU A 330 11.75 27.51 -5.70
CA LEU A 330 12.56 27.22 -4.52
C LEU A 330 12.79 25.73 -4.38
N ILE A 331 11.89 24.93 -4.94
CA ILE A 331 12.05 23.48 -4.98
C ILE A 331 13.41 23.06 -5.57
N GLY A 332 14.05 23.98 -6.29
CA GLY A 332 15.32 23.70 -6.93
C GLY A 332 16.42 23.52 -5.90
N LYS A 333 16.14 23.91 -4.66
CA LYS A 333 17.10 23.86 -3.57
C LYS A 333 17.26 22.47 -2.98
N LEU A 334 16.16 21.79 -2.69
CA LEU A 334 16.25 20.50 -1.98
C LEU A 334 16.59 19.31 -2.88
N GLN A 335 17.89 19.03 -2.96
CA GLN A 335 18.41 18.15 -3.99
C GLN A 335 18.60 16.76 -3.51
N LYS A 336 18.12 16.47 -2.31
CA LYS A 336 18.20 15.11 -1.81
C LYS A 336 16.86 14.44 -2.01
N LEU A 337 15.94 15.17 -2.64
CA LEU A 337 14.54 14.75 -2.77
C LEU A 337 14.34 13.58 -3.73
N ARG A 338 13.67 12.53 -3.22
CA ARG A 338 13.45 11.29 -3.96
C ARG A 338 12.01 11.11 -4.44
N ILE A 339 11.04 11.49 -3.62
CA ILE A 339 9.63 11.34 -3.97
C ILE A 339 8.76 12.55 -3.62
N LEU A 340 8.07 13.09 -4.62
CA LEU A 340 7.25 14.30 -4.44
C LEU A 340 5.78 14.05 -4.87
N GLN A 341 4.82 14.11 -3.94
CA GLN A 341 3.39 13.97 -4.31
C GLN A 341 2.58 15.20 -3.94
N VAL A 342 2.44 16.15 -4.87
CA VAL A 342 1.62 17.32 -4.61
C VAL A 342 0.30 17.23 -5.34
N SER A 343 -0.07 16.00 -5.69
CA SER A 343 -1.23 15.74 -6.51
C SER A 343 -2.51 16.08 -5.79
N TYR A 344 -3.63 15.99 -6.50
CA TYR A 344 -4.94 16.23 -5.92
C TYR A 344 -5.00 17.51 -5.11
N ASN A 345 -4.52 18.61 -5.67
CA ASN A 345 -4.58 19.90 -4.99
C ASN A 345 -5.05 20.95 -5.96
N SER A 346 -5.06 22.21 -5.50
CA SER A 346 -5.44 23.32 -6.37
C SER A 346 -4.26 24.26 -6.54
N LEU A 347 -3.14 23.67 -6.95
CA LEU A 347 -1.92 24.41 -7.25
C LEU A 347 -2.01 24.96 -8.67
N THR A 348 -1.54 26.20 -8.85
CA THR A 348 -1.56 26.85 -10.14
C THR A 348 -0.13 27.08 -10.63
N GLY A 349 0.03 27.95 -11.62
CA GLY A 349 1.35 28.29 -12.14
C GLY A 349 1.97 27.20 -13.00
N PRO A 350 3.10 27.52 -13.65
CA PRO A 350 3.80 26.60 -14.55
C PRO A 350 4.57 25.53 -13.79
N ILE A 351 5.21 24.61 -14.49
CA ILE A 351 6.23 23.77 -13.85
C ILE A 351 7.56 24.51 -13.97
N PRO A 352 8.27 24.67 -12.84
CA PRO A 352 9.54 25.39 -12.76
C PRO A 352 10.69 24.59 -13.37
N ARG A 353 11.63 25.26 -14.05
CA ARG A 353 12.74 24.57 -14.70
C ARG A 353 13.71 24.02 -13.65
N GLU A 354 13.65 24.62 -12.48
CA GLU A 354 14.52 24.25 -11.39
C GLU A 354 14.34 22.80 -11.01
N ILE A 355 13.19 22.24 -11.38
CA ILE A 355 12.92 20.83 -11.12
C ILE A 355 13.95 19.91 -11.79
N GLY A 356 14.73 20.46 -12.72
CA GLY A 356 15.78 19.68 -13.37
C GLY A 356 17.05 19.57 -12.54
N ASN A 357 16.97 20.05 -11.29
CA ASN A 357 18.07 20.02 -10.36
C ASN A 357 17.92 18.90 -9.35
N LEU A 358 16.76 18.24 -9.37
CA LEU A 358 16.43 17.22 -8.36
C LEU A 358 17.26 15.93 -8.49
N LYS A 359 17.81 15.69 -9.68
CA LYS A 359 18.75 14.59 -9.93
C LYS A 359 18.28 13.22 -9.43
N ASP A 360 18.43 12.97 -8.14
CA ASP A 360 18.07 11.66 -7.57
C ASP A 360 16.57 11.45 -7.37
N LEU A 361 15.75 12.38 -7.85
CA LEU A 361 14.29 12.25 -7.79
C LEU A 361 13.82 10.97 -8.46
N ASN A 362 12.92 10.25 -7.81
CA ASN A 362 12.46 8.97 -8.30
C ASN A 362 11.00 8.99 -8.71
N ILE A 363 10.18 9.59 -7.87
CA ILE A 363 8.76 9.74 -8.13
C ILE A 363 8.36 11.21 -8.21
N LEU A 364 7.72 11.57 -9.32
CA LEU A 364 7.22 12.93 -9.55
C LEU A 364 5.71 12.87 -9.82
N TYR A 365 4.93 13.12 -8.77
CA TYR A 365 3.47 13.08 -8.92
C TYR A 365 2.83 14.43 -8.66
N LEU A 366 2.27 15.03 -9.71
CA LEU A 366 1.54 16.27 -9.53
C LEU A 366 0.35 16.29 -10.43
N HIS A 367 -0.50 15.29 -10.32
CA HIS A 367 -1.69 15.24 -11.15
C HIS A 367 -2.87 15.86 -10.44
N SER A 368 -3.96 16.03 -11.16
CA SER A 368 -5.21 16.52 -10.61
C SER A 368 -5.08 17.90 -9.98
N ASN A 369 -4.21 18.73 -10.55
CA ASN A 369 -4.06 20.12 -10.12
C ASN A 369 -4.46 21.10 -11.22
N GLY A 370 -3.82 22.27 -11.23
CA GLY A 370 -4.09 23.27 -12.26
C GLY A 370 -2.84 23.80 -12.96
N PHE A 371 -1.81 22.95 -13.09
CA PHE A 371 -0.53 23.38 -13.65
C PHE A 371 -0.61 23.72 -15.11
N THR A 372 -0.36 24.98 -15.42
CA THR A 372 -0.47 25.43 -16.79
C THR A 372 0.89 25.43 -17.47
N GLY A 373 0.93 25.94 -18.69
CA GLY A 373 2.18 26.09 -19.40
C GLY A 373 2.66 24.84 -20.11
N ARG A 374 3.97 24.72 -20.20
CA ARG A 374 4.63 23.68 -20.98
C ARG A 374 5.30 22.72 -20.01
N ILE A 375 5.74 21.56 -20.50
CA ILE A 375 6.65 20.73 -19.71
C ILE A 375 8.06 21.14 -20.07
N PRO A 376 8.82 21.64 -19.08
CA PRO A 376 10.17 22.17 -19.32
C PRO A 376 11.09 21.08 -19.87
N ARG A 377 12.16 21.47 -20.56
CA ARG A 377 13.10 20.48 -21.08
C ARG A 377 14.05 20.06 -19.97
N GLU A 378 14.12 20.86 -18.92
CA GLU A 378 14.98 20.57 -17.79
C GLU A 378 14.60 19.24 -17.16
N MET A 379 13.37 18.79 -17.40
CA MET A 379 12.89 17.53 -16.84
C MET A 379 13.47 16.31 -17.56
N SER A 380 14.41 16.56 -18.47
CA SER A 380 15.20 15.47 -19.01
C SER A 380 16.37 15.14 -18.08
N ASN A 381 16.62 16.01 -17.10
CA ASN A 381 17.73 15.84 -16.17
C ASN A 381 17.41 14.90 -15.02
N LEU A 382 16.12 14.62 -14.83
CA LEU A 382 15.65 13.70 -13.79
C LEU A 382 15.88 12.24 -14.18
N THR A 383 17.13 11.89 -14.47
CA THR A 383 17.46 10.57 -15.01
C THR A 383 17.02 9.40 -14.14
N LEU A 384 16.92 9.62 -12.83
CA LEU A 384 16.57 8.56 -11.89
C LEU A 384 15.06 8.35 -11.82
N LEU A 385 14.32 9.22 -12.50
CA LEU A 385 12.86 9.21 -12.45
C LEU A 385 12.27 7.94 -13.01
N GLN A 386 11.35 7.35 -12.26
CA GLN A 386 10.73 6.12 -12.66
C GLN A 386 9.23 6.32 -12.79
N GLY A 387 8.71 7.31 -12.07
CA GLY A 387 7.28 7.59 -12.09
C GLY A 387 6.99 9.03 -12.41
N LEU A 388 6.24 9.28 -13.49
CA LEU A 388 5.77 10.63 -13.85
C LEU A 388 4.23 10.73 -14.02
N ARG A 389 3.61 11.52 -13.16
CA ARG A 389 2.16 11.74 -13.28
C ARG A 389 1.74 13.20 -13.35
N MET A 390 1.05 13.54 -14.43
CA MET A 390 0.67 14.92 -14.65
C MET A 390 -0.73 15.04 -15.21
N TYR A 391 -1.50 13.98 -15.11
CA TYR A 391 -2.83 14.00 -15.68
C TYR A 391 -3.76 15.01 -14.99
N SER A 392 -4.97 15.19 -15.51
CA SER A 392 -5.93 16.17 -14.99
C SER A 392 -5.40 17.57 -14.73
N ASN A 393 -4.48 18.03 -15.60
CA ASN A 393 -3.95 19.40 -15.50
C ASN A 393 -4.21 20.22 -16.76
N ASP A 394 -3.73 21.46 -16.76
CA ASP A 394 -3.92 22.38 -17.88
C ASP A 394 -2.60 22.57 -18.64
N LEU A 395 -1.74 21.55 -18.54
CA LEU A 395 -0.50 21.45 -19.31
C LEU A 395 -0.76 21.37 -20.81
N GLU A 396 0.08 22.03 -21.60
CA GLU A 396 -0.17 22.08 -23.04
C GLU A 396 1.09 22.03 -23.89
N GLY A 397 0.90 22.27 -25.18
CA GLY A 397 2.00 22.43 -26.11
C GLY A 397 2.76 21.15 -26.40
N PRO A 398 3.89 21.27 -27.12
CA PRO A 398 4.70 20.14 -27.59
C PRO A 398 5.49 19.42 -26.48
N ILE A 399 5.58 18.11 -26.60
CA ILE A 399 6.37 17.30 -25.67
C ILE A 399 7.86 17.43 -26.01
N PRO A 400 8.67 17.94 -25.06
CA PRO A 400 10.11 18.17 -25.32
C PRO A 400 10.85 16.91 -25.77
N GLU A 401 11.71 17.02 -26.77
CA GLU A 401 12.43 15.87 -27.29
C GLU A 401 13.37 15.29 -26.23
N GLU A 402 14.03 16.18 -25.50
CA GLU A 402 15.01 15.77 -24.49
C GLU A 402 14.41 14.83 -23.44
N MET A 403 13.11 14.96 -23.21
CA MET A 403 12.42 14.15 -22.20
C MET A 403 12.21 12.71 -22.65
N PHE A 404 12.71 12.37 -23.83
CA PHE A 404 12.73 10.98 -24.26
C PHE A 404 14.11 10.38 -24.05
N ASP A 405 14.98 11.11 -23.35
CA ASP A 405 16.30 10.57 -23.04
C ASP A 405 16.34 10.02 -21.61
N MET A 406 15.18 9.66 -21.09
CA MET A 406 15.09 9.10 -19.75
C MET A 406 14.79 7.60 -19.82
N LYS A 407 15.84 6.83 -20.11
CA LYS A 407 15.71 5.38 -20.29
C LYS A 407 15.08 4.71 -19.09
N LEU A 408 15.36 5.24 -17.91
CA LEU A 408 14.93 4.63 -16.67
C LEU A 408 13.44 4.79 -16.36
N LEU A 409 12.76 5.70 -17.06
CA LEU A 409 11.35 5.97 -16.78
C LEU A 409 10.47 4.75 -17.04
N SER A 410 9.53 4.52 -16.12
CA SER A 410 8.77 3.27 -16.10
C SER A 410 7.27 3.47 -16.27
N VAL A 411 6.75 4.58 -15.74
CA VAL A 411 5.32 4.88 -15.83
C VAL A 411 5.01 6.36 -16.16
N LEU A 412 4.16 6.57 -17.17
CA LEU A 412 3.83 7.91 -17.67
C LEU A 412 2.31 8.14 -17.84
N ASP A 413 1.76 9.12 -17.13
CA ASP A 413 0.33 9.45 -17.26
C ASP A 413 0.15 10.95 -17.61
N LEU A 414 -0.12 11.24 -18.88
CA LEU A 414 -0.25 12.62 -19.36
C LEU A 414 -1.68 12.89 -19.78
N SER A 415 -2.58 12.03 -19.35
CA SER A 415 -3.96 12.09 -19.83
C SER A 415 -4.72 13.32 -19.33
N ASN A 416 -5.90 13.59 -19.90
CA ASN A 416 -6.72 14.72 -19.46
C ASN A 416 -5.99 16.10 -19.45
N ASN A 417 -5.24 16.43 -20.50
CA ASN A 417 -4.67 17.78 -20.64
C ASN A 417 -5.06 18.47 -21.95
N LYS A 418 -4.24 19.44 -22.35
CA LYS A 418 -4.44 20.16 -23.61
C LYS A 418 -3.21 20.02 -24.51
N PHE A 419 -2.58 18.85 -24.50
CA PHE A 419 -1.47 18.56 -25.39
C PHE A 419 -1.99 18.44 -26.81
N SER A 420 -1.51 19.30 -27.70
CA SER A 420 -1.92 19.20 -29.11
C SER A 420 -0.76 18.72 -29.95
N GLY A 421 -1.08 18.39 -31.20
CA GLY A 421 -0.09 17.88 -32.13
C GLY A 421 -0.19 16.37 -32.26
N GLN A 422 0.69 15.79 -33.07
CA GLN A 422 0.75 14.35 -33.23
C GLN A 422 1.65 13.70 -32.18
N ILE A 423 1.44 12.40 -31.95
CA ILE A 423 2.23 11.63 -31.00
C ILE A 423 3.64 11.39 -31.52
N PRO A 424 4.66 11.92 -30.82
CA PRO A 424 6.05 11.79 -31.29
C PRO A 424 6.51 10.33 -31.37
N ALA A 425 7.26 9.98 -32.41
CA ALA A 425 7.83 8.65 -32.54
C ALA A 425 8.95 8.45 -31.53
N LEU A 426 9.47 9.57 -31.03
CA LEU A 426 10.52 9.58 -30.00
C LEU A 426 10.08 8.87 -28.72
N PHE A 427 8.79 8.54 -28.63
CA PHE A 427 8.24 7.75 -27.52
C PHE A 427 8.80 6.34 -27.54
N SER A 428 9.51 6.02 -28.62
CA SER A 428 10.18 4.75 -28.75
C SER A 428 11.39 4.72 -27.83
N LYS A 429 11.95 5.90 -27.57
CA LYS A 429 13.19 5.99 -26.79
C LYS A 429 13.04 5.48 -25.35
N LEU A 430 11.80 5.29 -24.92
CA LEU A 430 11.49 4.82 -23.57
C LEU A 430 11.11 3.34 -23.57
N GLU A 431 12.05 2.48 -23.96
CA GLU A 431 11.75 1.05 -24.09
C GLU A 431 11.46 0.33 -22.77
N SER A 432 11.09 1.10 -21.74
CA SER A 432 10.94 0.56 -20.40
C SER A 432 9.71 1.11 -19.70
N LEU A 433 8.66 1.38 -20.47
CA LEU A 433 7.40 1.83 -19.91
C LEU A 433 6.52 0.63 -19.61
N THR A 434 5.83 0.68 -18.48
CA THR A 434 4.87 -0.36 -18.14
C THR A 434 3.47 0.24 -18.24
N TYR A 435 3.41 1.56 -18.13
CA TYR A 435 2.16 2.32 -18.20
C TYR A 435 2.28 3.53 -19.11
N LEU A 436 1.34 3.68 -20.04
CA LEU A 436 1.34 4.85 -20.91
C LEU A 436 -0.08 5.39 -21.16
N SER A 437 -0.42 6.50 -20.53
CA SER A 437 -1.73 7.12 -20.75
C SER A 437 -1.61 8.52 -21.33
N LEU A 438 -2.12 8.70 -22.56
CA LEU A 438 -2.13 9.99 -23.23
C LEU A 438 -3.57 10.37 -23.52
N GLN A 439 -4.48 9.63 -22.92
CA GLN A 439 -5.90 9.77 -23.21
C GLN A 439 -6.42 11.19 -22.86
N GLY A 440 -7.61 11.54 -23.31
CA GLY A 440 -8.21 12.82 -22.94
C GLY A 440 -7.61 14.09 -23.53
N ASN A 441 -6.85 13.96 -24.61
CA ASN A 441 -6.15 15.09 -25.21
C ASN A 441 -6.63 15.49 -26.62
N LYS A 442 -5.82 16.31 -27.29
CA LYS A 442 -6.06 16.70 -28.67
C LYS A 442 -4.94 16.14 -29.57
N PHE A 443 -4.50 14.91 -29.28
CA PHE A 443 -3.49 14.25 -30.10
C PHE A 443 -4.05 13.89 -31.47
N ASN A 444 -3.51 14.48 -32.53
CA ASN A 444 -4.01 14.17 -33.87
C ASN A 444 -3.07 13.33 -34.76
N GLY A 445 -3.52 13.09 -35.98
CA GLY A 445 -2.77 12.25 -36.89
C GLY A 445 -2.89 10.80 -36.51
N SER A 446 -2.25 9.94 -37.30
CA SER A 446 -2.36 8.50 -37.10
C SER A 446 -1.34 8.01 -36.08
N ILE A 447 -1.52 6.75 -35.69
CA ILE A 447 -0.67 6.08 -34.71
C ILE A 447 0.69 5.72 -35.30
N PRO A 448 1.79 6.13 -34.63
CA PRO A 448 3.13 5.80 -35.10
C PRO A 448 3.48 4.32 -34.89
N ALA A 449 3.99 3.65 -35.93
CA ALA A 449 4.37 2.25 -35.82
C ALA A 449 5.66 2.06 -35.01
N SER A 450 6.43 3.14 -34.87
CA SER A 450 7.70 3.12 -34.12
C SER A 450 7.48 2.62 -32.70
N LEU A 451 6.28 2.90 -32.18
CA LEU A 451 5.87 2.43 -30.86
C LEU A 451 5.95 0.90 -30.67
N LYS A 452 6.26 0.15 -31.73
CA LYS A 452 6.52 -1.27 -31.58
C LYS A 452 7.75 -1.53 -30.72
N SER A 453 8.48 -0.47 -30.41
CA SER A 453 9.67 -0.58 -29.57
C SER A 453 9.35 -1.03 -28.16
N LEU A 454 8.38 -0.36 -27.52
CA LEU A 454 8.14 -0.54 -26.09
C LEU A 454 7.32 -1.78 -25.76
N SER A 455 8.02 -2.91 -25.73
CA SER A 455 7.42 -4.23 -25.60
C SER A 455 7.11 -4.60 -24.15
N LEU A 456 7.30 -3.65 -23.25
CA LEU A 456 7.07 -3.92 -21.84
C LEU A 456 5.79 -3.30 -21.34
N LEU A 457 4.93 -2.87 -22.24
CA LEU A 457 3.69 -2.22 -21.82
C LEU A 457 2.71 -3.21 -21.21
N ASN A 458 1.89 -2.70 -20.30
CA ASN A 458 0.81 -3.47 -19.72
C ASN A 458 -0.47 -2.68 -19.69
N THR A 459 -0.35 -1.37 -19.92
CA THR A 459 -1.50 -0.48 -20.04
C THR A 459 -1.27 0.59 -21.09
N PHE A 460 -2.01 0.50 -22.19
CA PHE A 460 -1.89 1.47 -23.27
C PHE A 460 -3.21 2.23 -23.44
N ASP A 461 -3.26 3.44 -22.89
CA ASP A 461 -4.47 4.27 -22.96
C ASP A 461 -4.26 5.44 -23.92
N ILE A 462 -4.90 5.37 -25.08
CA ILE A 462 -4.79 6.42 -26.09
C ILE A 462 -6.17 6.97 -26.48
N SER A 463 -7.17 6.58 -25.70
CA SER A 463 -8.56 6.94 -25.96
C SER A 463 -8.86 8.44 -25.94
N ASP A 464 -10.08 8.79 -26.34
CA ASP A 464 -10.54 10.18 -26.34
C ASP A 464 -9.57 11.18 -26.99
N ASN A 465 -9.21 10.90 -28.24
CA ASN A 465 -8.38 11.84 -28.98
C ASN A 465 -8.88 12.12 -30.39
N LEU A 466 -7.98 12.61 -31.23
CA LEU A 466 -8.27 12.91 -32.62
C LEU A 466 -7.46 11.98 -33.51
N LEU A 467 -7.18 10.79 -32.99
CA LEU A 467 -6.37 9.82 -33.71
C LEU A 467 -7.04 9.22 -34.93
N THR A 468 -6.46 9.52 -36.08
CA THR A 468 -6.94 9.03 -37.36
C THR A 468 -6.10 7.85 -37.81
N GLY A 469 -6.21 7.53 -39.10
CA GLY A 469 -5.44 6.44 -39.66
C GLY A 469 -5.94 5.11 -39.19
N THR A 470 -5.11 4.08 -39.35
CA THR A 470 -5.47 2.75 -38.90
C THR A 470 -4.50 2.27 -37.82
N ILE A 471 -4.76 1.07 -37.29
CA ILE A 471 -3.91 0.50 -36.26
C ILE A 471 -2.80 -0.33 -36.87
N PRO A 472 -1.54 0.10 -36.67
CA PRO A 472 -0.37 -0.64 -37.15
C PRO A 472 -0.31 -2.03 -36.52
N GLY A 473 -0.24 -3.03 -37.39
CA GLY A 473 -0.26 -4.42 -36.97
C GLY A 473 0.99 -4.81 -36.22
N GLU A 474 2.13 -4.28 -36.65
CA GLU A 474 3.41 -4.65 -36.05
C GLU A 474 3.52 -4.10 -34.63
N LEU A 475 2.80 -3.01 -34.38
CA LEU A 475 2.73 -2.40 -33.05
C LEU A 475 1.86 -3.23 -32.12
N LEU A 476 0.71 -3.67 -32.63
CA LEU A 476 -0.16 -4.51 -31.84
C LEU A 476 0.56 -5.83 -31.56
N ALA A 477 1.37 -6.27 -32.52
CA ALA A 477 2.06 -7.54 -32.43
C ALA A 477 3.26 -7.50 -31.49
N SER A 478 3.93 -6.35 -31.39
CA SER A 478 5.05 -6.18 -30.47
C SER A 478 4.62 -6.30 -29.00
N LEU A 479 3.40 -5.85 -28.73
CA LEU A 479 2.74 -6.13 -27.45
C LEU A 479 2.23 -7.54 -27.52
N LYS A 480 3.07 -8.51 -27.17
CA LYS A 480 2.56 -9.87 -27.11
C LYS A 480 1.89 -10.09 -25.77
N ASN A 481 2.66 -9.95 -24.70
CA ASN A 481 2.20 -10.24 -23.34
C ASN A 481 1.78 -9.01 -22.52
N MET A 482 0.85 -8.23 -23.08
CA MET A 482 0.25 -7.13 -22.35
C MET A 482 -0.71 -7.69 -21.30
N GLN A 483 -0.59 -7.21 -20.06
CA GLN A 483 -1.25 -7.84 -18.90
C GLN A 483 -2.62 -7.25 -18.54
N LEU A 484 -2.82 -5.97 -18.83
CA LEU A 484 -3.98 -5.27 -18.33
C LEU A 484 -4.92 -4.64 -19.36
N TYR A 485 -4.56 -3.43 -19.80
CA TYR A 485 -5.50 -2.48 -20.38
C TYR A 485 -5.10 -1.99 -21.77
N LEU A 486 -6.07 -1.95 -22.69
CA LEU A 486 -5.85 -1.39 -24.03
C LEU A 486 -7.04 -0.53 -24.47
N ASN A 487 -6.85 0.78 -24.58
CA ASN A 487 -7.97 1.69 -24.93
C ASN A 487 -7.67 2.64 -26.10
N PHE A 488 -8.25 2.33 -27.26
CA PHE A 488 -8.14 3.16 -28.45
C PHE A 488 -9.42 3.93 -28.71
N SER A 489 -10.36 3.81 -27.77
CA SER A 489 -11.72 4.29 -28.01
C SER A 489 -11.83 5.80 -28.23
N ASN A 490 -13.00 6.22 -28.70
CA ASN A 490 -13.31 7.63 -28.91
C ASN A 490 -12.30 8.40 -29.81
N ASN A 491 -11.99 7.82 -30.96
CA ASN A 491 -11.11 8.45 -31.95
C ASN A 491 -11.68 8.47 -33.38
N LEU A 492 -10.78 8.62 -34.34
CA LEU A 492 -11.17 8.67 -35.75
C LEU A 492 -10.44 7.58 -36.52
N LEU A 493 -10.10 6.50 -35.81
CA LEU A 493 -9.43 5.32 -36.39
C LEU A 493 -10.29 4.64 -37.41
N THR A 494 -9.70 4.33 -38.55
CA THR A 494 -10.42 3.69 -39.62
C THR A 494 -9.85 2.31 -39.90
N GLY A 495 -10.29 1.72 -41.01
CA GLY A 495 -9.76 0.45 -41.45
C GLY A 495 -10.37 -0.72 -40.73
N THR A 496 -9.60 -1.81 -40.62
CA THR A 496 -10.07 -3.02 -39.99
C THR A 496 -9.31 -3.29 -38.70
N ILE A 497 -9.86 -4.21 -37.92
CA ILE A 497 -9.24 -4.67 -36.69
C ILE A 497 -8.20 -5.71 -37.05
N PRO A 498 -6.92 -5.36 -36.92
CA PRO A 498 -5.80 -6.18 -37.39
C PRO A 498 -5.85 -7.60 -36.83
N LYS A 499 -5.30 -8.57 -37.57
CA LYS A 499 -5.25 -9.94 -37.07
C LYS A 499 -4.29 -10.05 -35.89
N GLU A 500 -3.42 -9.04 -35.74
CA GLU A 500 -2.38 -9.06 -34.71
C GLU A 500 -2.94 -8.83 -33.32
N LEU A 501 -4.20 -8.45 -33.23
CA LEU A 501 -4.86 -8.34 -31.94
C LEU A 501 -5.01 -9.72 -31.28
N GLY A 502 -4.97 -10.77 -32.08
CA GLY A 502 -5.02 -12.11 -31.53
C GLY A 502 -3.78 -12.48 -30.73
N LYS A 503 -2.64 -11.92 -31.13
CA LYS A 503 -1.37 -12.16 -30.43
C LYS A 503 -1.41 -11.60 -29.02
N LEU A 504 -2.33 -10.66 -28.78
CA LEU A 504 -2.50 -10.04 -27.48
C LEU A 504 -3.25 -10.92 -26.48
N GLU A 505 -2.59 -11.93 -25.93
CA GLU A 505 -3.18 -12.75 -24.89
C GLU A 505 -2.91 -12.07 -23.56
N MET A 506 -3.37 -12.66 -22.46
CA MET A 506 -3.13 -12.11 -21.12
C MET A 506 -3.72 -10.71 -20.88
N VAL A 507 -4.34 -10.10 -21.89
CA VAL A 507 -4.89 -8.74 -21.76
C VAL A 507 -6.35 -8.78 -21.29
N GLN A 508 -6.67 -7.95 -20.31
CA GLN A 508 -7.94 -8.08 -19.61
C GLN A 508 -9.03 -7.18 -20.16
N GLU A 509 -8.68 -5.96 -20.52
CA GLU A 509 -9.67 -5.01 -21.02
C GLU A 509 -9.28 -4.46 -22.39
N ILE A 510 -10.14 -4.69 -23.37
CA ILE A 510 -9.90 -4.21 -24.73
C ILE A 510 -11.04 -3.29 -25.18
N ASP A 511 -10.70 -2.05 -25.54
CA ASP A 511 -11.72 -1.09 -25.94
C ASP A 511 -11.38 -0.30 -27.21
N LEU A 512 -12.11 -0.61 -28.29
CA LEU A 512 -11.92 0.04 -29.58
C LEU A 512 -13.16 0.83 -30.00
N SER A 513 -14.00 1.16 -29.03
CA SER A 513 -15.30 1.76 -29.31
C SER A 513 -15.22 3.18 -29.86
N ASN A 514 -16.33 3.67 -30.41
CA ASN A 514 -16.42 5.02 -30.95
C ASN A 514 -15.36 5.36 -32.01
N ASN A 515 -15.24 4.48 -32.99
CA ASN A 515 -14.32 4.69 -34.11
C ASN A 515 -14.97 4.41 -35.45
N LEU A 516 -14.12 4.40 -36.47
CA LEU A 516 -14.55 4.19 -37.85
C LEU A 516 -13.97 2.87 -38.37
N PHE A 517 -14.10 1.84 -37.56
CA PHE A 517 -13.66 0.51 -37.96
C PHE A 517 -14.74 -0.11 -38.85
N SER A 518 -14.30 -0.80 -39.90
CA SER A 518 -15.21 -1.28 -40.92
C SER A 518 -15.29 -2.79 -41.04
N GLY A 519 -14.14 -3.45 -41.10
CA GLY A 519 -14.11 -4.89 -41.29
C GLY A 519 -14.86 -5.65 -40.21
N SER A 520 -15.19 -6.91 -40.49
CA SER A 520 -15.78 -7.81 -39.50
C SER A 520 -14.77 -8.19 -38.41
N ILE A 521 -15.26 -8.72 -37.29
CA ILE A 521 -14.42 -9.11 -36.14
C ILE A 521 -13.55 -10.32 -36.44
N PRO A 522 -12.23 -10.13 -36.45
CA PRO A 522 -11.32 -11.23 -36.80
C PRO A 522 -11.46 -12.43 -35.87
N ARG A 523 -11.24 -13.64 -36.39
CA ARG A 523 -11.31 -14.83 -35.56
C ARG A 523 -9.97 -15.00 -34.88
N SER A 524 -8.98 -14.26 -35.39
CA SER A 524 -7.63 -14.25 -34.85
C SER A 524 -7.63 -14.12 -33.33
N LEU A 525 -8.50 -13.26 -32.82
CA LEU A 525 -8.56 -13.00 -31.39
C LEU A 525 -9.33 -14.05 -30.59
N GLN A 526 -9.37 -15.29 -31.09
CA GLN A 526 -9.94 -16.38 -30.34
C GLN A 526 -8.95 -16.82 -29.28
N ALA A 527 -7.73 -16.31 -29.38
CA ALA A 527 -6.64 -16.73 -28.52
C ALA A 527 -6.68 -16.10 -27.14
N CYS A 528 -7.36 -14.96 -27.01
CA CYS A 528 -7.31 -14.24 -25.73
C CYS A 528 -8.40 -14.63 -24.74
N LYS A 529 -8.11 -15.67 -23.95
CA LYS A 529 -9.03 -16.15 -22.95
C LYS A 529 -8.95 -15.31 -21.70
N ASN A 530 -7.95 -14.44 -21.61
CA ASN A 530 -7.78 -13.66 -20.40
C ASN A 530 -8.70 -12.44 -20.35
N VAL A 531 -9.36 -12.15 -21.46
CA VAL A 531 -10.20 -10.95 -21.58
C VAL A 531 -11.38 -10.94 -20.61
N PHE A 532 -11.50 -9.86 -19.85
CA PHE A 532 -12.59 -9.70 -18.90
C PHE A 532 -13.66 -8.77 -19.46
N THR A 533 -13.23 -7.68 -20.10
CA THR A 533 -14.16 -6.72 -20.71
C THR A 533 -13.82 -6.40 -22.18
N LEU A 534 -14.76 -6.67 -23.07
CA LEU A 534 -14.59 -6.36 -24.48
C LEU A 534 -15.59 -5.30 -24.97
N ASP A 535 -15.07 -4.28 -25.66
CA ASP A 535 -15.90 -3.18 -26.13
C ASP A 535 -15.59 -2.79 -27.57
N PHE A 536 -16.49 -3.16 -28.48
CA PHE A 536 -16.40 -2.81 -29.90
C PHE A 536 -17.62 -2.03 -30.37
N SER A 537 -18.22 -1.27 -29.45
CA SER A 537 -19.45 -0.55 -29.74
C SER A 537 -19.17 0.72 -30.53
N GLN A 538 -20.23 1.32 -31.06
CA GLN A 538 -20.10 2.56 -31.83
C GLN A 538 -19.10 2.43 -32.99
N ASN A 539 -19.30 1.43 -33.84
CA ASN A 539 -18.50 1.25 -35.04
C ASN A 539 -19.29 0.80 -36.28
N ASN A 540 -18.63 0.84 -37.43
CA ASN A 540 -19.24 0.44 -38.68
C ASN A 540 -18.96 -1.02 -38.99
N LEU A 541 -18.68 -1.79 -37.94
CA LEU A 541 -18.43 -3.22 -38.08
C LEU A 541 -19.61 -3.91 -38.75
N SER A 542 -19.32 -4.92 -39.56
CA SER A 542 -20.38 -5.72 -40.16
C SER A 542 -20.06 -7.19 -40.06
N GLY A 543 -21.05 -8.03 -40.34
CA GLY A 543 -20.82 -9.45 -40.48
C GLY A 543 -21.54 -10.30 -39.45
N HIS A 544 -21.24 -11.58 -39.45
CA HIS A 544 -21.78 -12.44 -38.41
C HIS A 544 -20.87 -12.34 -37.20
N ILE A 545 -21.41 -12.67 -36.03
CA ILE A 545 -20.62 -12.66 -34.80
C ILE A 545 -19.95 -14.00 -34.60
N PRO A 546 -18.61 -14.04 -34.73
CA PRO A 546 -17.86 -15.31 -34.74
C PRO A 546 -18.08 -16.11 -33.47
N ASP A 547 -18.89 -17.17 -33.58
CA ASP A 547 -19.15 -18.04 -32.45
C ASP A 547 -17.83 -18.59 -31.94
N GLU A 548 -16.96 -18.86 -32.90
CA GLU A 548 -15.72 -19.57 -32.67
C GLU A 548 -14.66 -18.70 -31.99
N VAL A 549 -14.89 -17.38 -31.96
CA VAL A 549 -13.98 -16.40 -31.32
C VAL A 549 -14.38 -16.09 -29.87
N PHE A 550 -15.66 -16.26 -29.55
CA PHE A 550 -16.16 -16.08 -28.19
C PHE A 550 -16.29 -17.43 -27.48
N GLN A 551 -16.17 -18.50 -28.26
CA GLN A 551 -16.14 -19.86 -27.72
C GLN A 551 -14.91 -19.95 -26.82
N GLY A 552 -13.84 -19.30 -27.26
CA GLY A 552 -12.61 -19.24 -26.50
C GLY A 552 -12.36 -17.89 -25.86
N MET A 553 -13.42 -17.30 -25.31
CA MET A 553 -13.27 -16.03 -24.58
C MET A 553 -13.72 -16.21 -23.12
N ASP A 554 -14.73 -17.07 -22.92
CA ASP A 554 -15.27 -17.46 -21.61
C ASP A 554 -15.20 -16.47 -20.44
N MET A 555 -14.01 -15.97 -20.12
CA MET A 555 -13.83 -15.07 -18.98
C MET A 555 -14.40 -13.66 -19.21
N ILE A 556 -15.33 -13.51 -20.14
CA ILE A 556 -15.90 -12.18 -20.41
C ILE A 556 -16.85 -11.75 -19.31
N ILE A 557 -16.57 -10.59 -18.72
CA ILE A 557 -17.44 -10.00 -17.72
C ILE A 557 -18.46 -9.08 -18.38
N SER A 558 -17.99 -8.24 -19.30
CA SER A 558 -18.88 -7.34 -20.04
C SER A 558 -18.58 -7.33 -21.53
N LEU A 559 -19.64 -7.40 -22.33
CA LEU A 559 -19.51 -7.38 -23.80
C LEU A 559 -20.38 -6.32 -24.47
N ASN A 560 -19.76 -5.25 -24.99
CA ASN A 560 -20.52 -4.17 -25.64
C ASN A 560 -20.29 -4.09 -27.14
N LEU A 561 -21.17 -4.72 -27.90
CA LEU A 561 -21.14 -4.70 -29.37
C LEU A 561 -22.38 -4.00 -29.92
N SER A 562 -22.62 -2.77 -29.47
CA SER A 562 -23.84 -2.04 -29.83
C SER A 562 -23.58 -0.96 -30.88
N ARG A 563 -24.65 -0.56 -31.56
CA ARG A 563 -24.57 0.38 -32.67
C ARG A 563 -23.57 -0.07 -33.73
N ASN A 564 -23.88 -1.18 -34.38
CA ASN A 564 -23.10 -1.66 -35.53
C ASN A 564 -23.98 -2.23 -36.62
N SER A 565 -23.35 -2.74 -37.66
CA SER A 565 -24.07 -3.35 -38.76
C SER A 565 -24.00 -4.88 -38.67
N PHE A 566 -23.85 -5.37 -37.44
CA PHE A 566 -23.78 -6.80 -37.19
C PHE A 566 -25.04 -7.53 -37.65
N SER A 567 -24.85 -8.41 -38.62
CA SER A 567 -25.91 -9.30 -39.08
C SER A 567 -25.71 -10.68 -38.48
N GLY A 568 -26.67 -11.55 -38.74
CA GLY A 568 -26.57 -12.93 -38.34
C GLY A 568 -27.39 -13.28 -37.12
N GLU A 569 -27.19 -14.50 -36.63
CA GLU A 569 -27.87 -15.01 -35.44
C GLU A 569 -27.06 -14.66 -34.22
N ILE A 570 -27.67 -14.87 -33.06
CA ILE A 570 -26.95 -14.73 -31.79
C ILE A 570 -26.26 -16.05 -31.44
N PRO A 571 -24.91 -16.03 -31.33
CA PRO A 571 -24.15 -17.26 -31.09
C PRO A 571 -24.59 -18.02 -29.84
N GLN A 572 -24.70 -19.33 -29.96
CA GLN A 572 -25.08 -20.16 -28.83
C GLN A 572 -23.99 -20.17 -27.75
N SER A 573 -22.76 -19.88 -28.17
CA SER A 573 -21.59 -19.85 -27.28
C SER A 573 -21.78 -18.94 -26.07
N PHE A 574 -22.84 -18.13 -26.10
CA PHE A 574 -23.15 -17.20 -25.01
C PHE A 574 -23.73 -17.90 -23.78
N GLY A 575 -24.28 -19.10 -24.00
CA GLY A 575 -24.77 -19.91 -22.91
C GLY A 575 -23.66 -20.50 -22.07
N ASN A 576 -22.55 -20.91 -22.72
CA ASN A 576 -21.43 -21.50 -21.99
C ASN A 576 -20.62 -20.43 -21.24
N MET A 577 -20.97 -19.16 -21.44
CA MET A 577 -20.33 -18.05 -20.71
C MET A 577 -20.81 -17.95 -19.27
N THR A 578 -20.01 -18.47 -18.36
CA THR A 578 -20.37 -18.48 -16.96
C THR A 578 -20.20 -17.10 -16.32
N HIS A 579 -19.02 -16.50 -16.53
CA HIS A 579 -18.70 -15.24 -15.87
C HIS A 579 -19.35 -14.01 -16.55
N LEU A 580 -20.28 -14.24 -17.47
CA LEU A 580 -21.00 -13.16 -18.16
C LEU A 580 -21.89 -12.37 -17.21
N VAL A 581 -21.83 -11.04 -17.30
CA VAL A 581 -22.60 -10.15 -16.41
C VAL A 581 -23.47 -9.15 -17.16
N SER A 582 -22.85 -8.33 -18.03
CA SER A 582 -23.60 -7.39 -18.88
C SER A 582 -23.31 -7.56 -20.39
N LEU A 583 -24.38 -7.80 -21.17
CA LEU A 583 -24.30 -8.03 -22.62
C LEU A 583 -25.13 -7.00 -23.41
N ASP A 584 -24.49 -6.32 -24.35
CA ASP A 584 -25.13 -5.24 -25.09
C ASP A 584 -25.01 -5.41 -26.62
N LEU A 585 -26.13 -5.70 -27.26
CA LEU A 585 -26.20 -5.90 -28.71
C LEU A 585 -27.30 -5.04 -29.30
N SER A 586 -27.38 -3.79 -28.86
CA SER A 586 -28.44 -2.89 -29.31
C SER A 586 -28.07 -2.24 -30.63
N SER A 587 -29.08 -1.95 -31.46
CA SER A 587 -28.89 -1.25 -32.72
C SER A 587 -28.10 -2.04 -33.77
N ASN A 588 -28.61 -3.22 -34.14
CA ASN A 588 -27.94 -4.07 -35.13
C ASN A 588 -28.87 -4.68 -36.17
N ASN A 589 -28.31 -5.42 -37.12
CA ASN A 589 -29.11 -6.17 -38.08
C ASN A 589 -29.16 -7.66 -37.76
N LEU A 590 -29.26 -7.96 -36.46
CA LEU A 590 -29.35 -9.33 -35.96
C LEU A 590 -30.71 -9.96 -36.27
N THR A 591 -30.68 -11.08 -36.98
CA THR A 591 -31.90 -11.70 -37.49
C THR A 591 -32.18 -13.06 -36.85
N GLY A 592 -31.58 -13.31 -35.70
CA GLY A 592 -31.70 -14.59 -35.02
C GLY A 592 -33.08 -14.91 -34.47
N GLU A 593 -33.14 -15.89 -33.57
CA GLU A 593 -34.38 -16.33 -32.97
C GLU A 593 -34.31 -16.31 -31.44
N ILE A 594 -33.20 -15.78 -30.92
CA ILE A 594 -32.87 -15.74 -29.48
C ILE A 594 -32.57 -17.09 -28.85
N PRO A 595 -31.33 -17.26 -28.38
CA PRO A 595 -30.92 -18.52 -27.75
C PRO A 595 -31.63 -18.76 -26.41
N GLU A 596 -31.98 -20.02 -26.17
CA GLU A 596 -32.64 -20.45 -24.95
C GLU A 596 -31.59 -20.54 -23.84
N SER A 597 -30.31 -20.34 -24.22
CA SER A 597 -29.18 -20.48 -23.31
C SER A 597 -28.87 -19.21 -22.53
N LEU A 598 -29.32 -18.07 -23.05
CA LEU A 598 -29.17 -16.79 -22.36
C LEU A 598 -30.15 -16.69 -21.21
N ALA A 599 -31.22 -17.46 -21.29
CA ALA A 599 -32.22 -17.51 -20.23
C ALA A 599 -31.59 -17.97 -18.92
N ASN A 600 -31.36 -19.28 -18.79
CA ASN A 600 -30.85 -19.85 -17.54
C ASN A 600 -29.42 -19.43 -17.18
N LEU A 601 -29.18 -18.12 -17.14
CA LEU A 601 -27.89 -17.58 -16.74
C LEU A 601 -27.99 -16.85 -15.41
N SER A 602 -27.34 -17.40 -14.39
CA SER A 602 -27.42 -16.84 -13.07
C SER A 602 -26.62 -15.54 -12.97
N THR A 603 -25.35 -15.60 -13.36
CA THR A 603 -24.44 -14.46 -13.21
C THR A 603 -24.85 -13.27 -14.07
N LEU A 604 -25.60 -13.56 -15.13
CA LEU A 604 -26.11 -12.54 -16.04
C LEU A 604 -27.08 -11.60 -15.33
N LYS A 605 -27.14 -10.35 -15.77
CA LYS A 605 -27.90 -9.33 -15.03
C LYS A 605 -28.46 -8.20 -15.92
N HIS A 606 -27.64 -7.69 -16.83
CA HIS A 606 -28.08 -6.67 -17.79
C HIS A 606 -27.95 -7.16 -19.23
N LEU A 607 -29.03 -7.00 -19.99
CA LEU A 607 -29.14 -7.54 -21.35
C LEU A 607 -29.87 -6.56 -22.27
N LYS A 608 -29.14 -5.99 -23.24
CA LYS A 608 -29.68 -4.97 -24.15
C LYS A 608 -29.77 -5.45 -25.61
N LEU A 609 -30.98 -5.52 -26.15
CA LEU A 609 -31.19 -6.06 -27.51
C LEU A 609 -31.76 -4.99 -28.42
N ALA A 610 -32.78 -4.30 -27.91
CA ALA A 610 -33.29 -3.09 -28.52
C ALA A 610 -33.52 -3.24 -30.01
N SER A 611 -33.01 -2.27 -30.77
CA SER A 611 -33.33 -2.13 -32.18
C SER A 611 -32.74 -3.21 -33.08
N ASN A 612 -33.47 -4.32 -33.19
CA ASN A 612 -33.08 -5.45 -34.04
C ASN A 612 -34.24 -6.04 -34.82
N ASN A 613 -33.98 -7.20 -35.42
CA ASN A 613 -35.00 -7.91 -36.18
C ASN A 613 -35.05 -9.37 -35.75
N LEU A 614 -35.53 -9.60 -34.54
CA LEU A 614 -35.53 -10.94 -33.97
C LEU A 614 -36.92 -11.57 -33.97
N LYS A 615 -36.97 -12.90 -33.98
CA LYS A 615 -38.25 -13.60 -33.99
C LYS A 615 -38.31 -14.65 -32.89
N GLY A 616 -39.45 -15.32 -32.77
CA GLY A 616 -39.59 -16.45 -31.85
C GLY A 616 -40.09 -16.12 -30.45
N HIS A 617 -40.22 -17.16 -29.63
CA HIS A 617 -40.68 -17.02 -28.25
C HIS A 617 -39.57 -16.47 -27.36
N VAL A 618 -39.84 -15.32 -26.74
CA VAL A 618 -38.93 -14.74 -25.75
C VAL A 618 -38.85 -15.61 -24.51
N PRO A 619 -37.63 -15.98 -24.09
CA PRO A 619 -37.43 -16.84 -22.93
C PRO A 619 -37.95 -16.25 -21.62
N GLU A 620 -37.96 -17.07 -20.58
CA GLU A 620 -38.60 -16.73 -19.31
C GLU A 620 -37.64 -16.84 -18.12
N SER A 621 -37.37 -18.08 -17.71
CA SER A 621 -36.53 -18.34 -16.55
C SER A 621 -35.13 -17.77 -16.70
N GLY A 622 -34.76 -16.86 -15.80
CA GLY A 622 -33.43 -16.30 -15.79
C GLY A 622 -33.44 -14.81 -15.52
N VAL A 623 -32.79 -14.05 -16.41
CA VAL A 623 -32.74 -12.60 -16.29
C VAL A 623 -33.86 -11.98 -17.09
N PHE A 624 -34.84 -12.79 -17.45
CA PHE A 624 -36.00 -12.26 -18.15
C PHE A 624 -37.13 -12.02 -17.16
N LYS A 625 -36.99 -12.57 -15.95
CA LYS A 625 -37.93 -12.30 -14.86
C LYS A 625 -37.98 -10.79 -14.59
N ASN A 626 -36.85 -10.27 -14.09
CA ASN A 626 -36.73 -8.86 -13.74
C ASN A 626 -36.25 -7.99 -14.91
N ILE A 627 -36.65 -8.37 -16.12
CA ILE A 627 -36.20 -7.67 -17.31
C ILE A 627 -37.06 -6.43 -17.58
N ASN A 628 -36.48 -5.46 -18.28
CA ASN A 628 -37.21 -4.25 -18.67
C ASN A 628 -37.68 -4.36 -20.10
N ALA A 629 -38.73 -3.61 -20.45
CA ALA A 629 -39.30 -3.68 -21.79
C ALA A 629 -38.47 -2.88 -22.80
N SER A 630 -37.85 -1.80 -22.33
CA SER A 630 -37.00 -0.95 -23.16
C SER A 630 -35.80 -1.73 -23.72
N ASP A 631 -35.38 -2.75 -22.97
CA ASP A 631 -34.28 -3.61 -23.39
C ASP A 631 -34.67 -4.45 -24.61
N LEU A 632 -35.97 -4.67 -24.79
CA LEU A 632 -36.47 -5.46 -25.90
C LEU A 632 -36.95 -4.58 -27.05
N MET A 633 -37.56 -3.46 -26.71
CA MET A 633 -38.13 -2.56 -27.71
C MET A 633 -37.02 -1.91 -28.54
N GLY A 634 -37.04 -2.17 -29.85
CA GLY A 634 -38.13 -2.91 -30.45
C GLY A 634 -37.75 -3.97 -31.47
N ASN A 635 -38.08 -5.22 -31.16
CA ASN A 635 -37.76 -6.34 -32.04
C ASN A 635 -38.87 -6.70 -33.03
N THR A 636 -39.60 -5.70 -33.51
CA THR A 636 -40.65 -5.91 -34.51
C THR A 636 -41.71 -6.93 -34.09
N ASP A 637 -41.29 -8.18 -33.90
CA ASP A 637 -42.20 -9.27 -33.59
C ASP A 637 -41.62 -10.28 -32.60
N LEU A 638 -42.26 -10.40 -31.45
CA LEU A 638 -41.86 -11.35 -30.41
C LEU A 638 -43.08 -11.87 -29.64
N CYS A 639 -43.37 -13.16 -29.77
CA CYS A 639 -44.49 -13.78 -29.05
C CYS A 639 -44.03 -14.20 -27.66
N GLY A 640 -44.69 -13.70 -26.61
CA GLY A 640 -44.32 -14.03 -25.24
C GLY A 640 -44.80 -13.03 -24.21
#